data_6X85
#
_entry.id   6X85
#
_cell.length_a   252.508
_cell.length_b   65.672
_cell.length_c   54.241
_cell.angle_alpha   90.000
_cell.angle_beta   95.100
_cell.angle_gamma   90.000
#
_symmetry.space_group_name_H-M   'C 1 2 1'
#
loop_
_entity.id
_entity.type
_entity.pdbx_description
1 polymer 'Tumor necrosis factor'
2 non-polymer 1-{[2-(difluoromethoxy)phenyl]methyl}-2,2-dimethyl-1,2-dihydro-3H-indol-3-one
#
_entity_poly.entity_id   1
_entity_poly.type   'polypeptide(L)'
_entity_poly.pdbx_seq_one_letter_code
;MVRSSSRTPSDKPVAHVVANPQAEGQLQWLNRRANALLANGVELRDNQLVVPSEGLYLIYSQVLFKGQGCPSTHVLLTHT
ISRIAVSYQTKVNLLSAIKSPCQRETPEGAEAKPWYEPIYLGGVFQLEKGDRLSAEINRPDYLDFAESGQVYFGIIAL
;
_entity_poly.pdbx_strand_id   A,B,C,D,E,F
#
# COMPACT_ATOMS: atom_id res chain seq x y z
N THR A 8 2.57 -5.89 -35.12
CA THR A 8 2.46 -7.24 -34.58
C THR A 8 0.97 -7.68 -34.49
N PRO A 9 0.60 -8.89 -35.00
CA PRO A 9 -0.81 -9.36 -34.94
C PRO A 9 -1.53 -8.99 -33.64
N SER A 10 -0.90 -9.25 -32.48
CA SER A 10 -1.46 -8.78 -31.22
C SER A 10 -0.55 -7.65 -30.80
N ASP A 11 -0.96 -6.43 -31.19
CA ASP A 11 -0.31 -5.14 -30.96
C ASP A 11 -0.20 -4.77 -29.47
N LYS A 12 -0.33 -5.76 -28.57
CA LYS A 12 -0.30 -5.53 -27.15
C LYS A 12 1.12 -5.28 -26.63
N PRO A 13 1.39 -4.13 -25.97
CA PRO A 13 2.74 -3.90 -25.42
C PRO A 13 3.21 -5.01 -24.47
N VAL A 14 4.33 -5.64 -24.86
CA VAL A 14 4.93 -6.73 -24.09
C VAL A 14 6.43 -6.53 -23.90
N ALA A 15 6.96 -7.02 -22.77
CA ALA A 15 8.35 -6.98 -22.43
C ALA A 15 8.72 -8.22 -21.57
N HIS A 16 9.94 -8.75 -21.82
CA HIS A 16 10.56 -9.79 -21.02
C HIS A 16 12.06 -9.56 -21.10
N VAL A 17 12.61 -8.95 -20.06
CA VAL A 17 14.05 -8.65 -20.04
C VAL A 17 14.72 -9.52 -19.02
N VAL A 18 15.98 -9.79 -19.24
CA VAL A 18 16.78 -10.72 -18.48
C VAL A 18 17.99 -10.05 -17.82
N ALA A 19 18.48 -10.59 -16.72
CA ALA A 19 19.64 -10.04 -16.04
C ALA A 19 20.92 -10.29 -16.86
N ASN A 20 21.90 -9.41 -16.71
CA ASN A 20 23.19 -9.52 -17.36
C ASN A 20 24.09 -10.38 -16.42
N PRO A 21 24.39 -11.66 -16.77
CA PRO A 21 25.20 -12.49 -15.86
C PRO A 21 26.64 -12.01 -15.62
N GLN A 22 27.16 -11.22 -16.59
CA GLN A 22 28.46 -10.59 -16.63
C GLN A 22 28.52 -9.35 -15.71
N ALA A 23 27.46 -8.54 -15.64
CA ALA A 23 27.42 -7.31 -14.86
C ALA A 23 27.51 -7.53 -13.34
N GLU A 24 28.75 -7.47 -12.79
CA GLU A 24 29.01 -7.69 -11.37
C GLU A 24 28.50 -6.62 -10.47
N GLY A 25 28.03 -7.08 -9.30
CA GLY A 25 27.51 -6.27 -8.21
C GLY A 25 26.32 -5.41 -8.58
N GLN A 26 25.60 -5.78 -9.63
CA GLN A 26 24.41 -5.04 -10.05
C GLN A 26 23.40 -5.97 -10.74
N LEU A 27 22.17 -5.46 -10.93
CA LEU A 27 21.11 -6.18 -11.61
C LEU A 27 20.76 -5.33 -12.84
N GLN A 28 21.45 -5.59 -13.95
CA GLN A 28 21.28 -4.86 -15.20
C GLN A 28 20.42 -5.71 -16.14
N TRP A 29 19.32 -5.14 -16.64
CA TRP A 29 18.39 -5.80 -17.56
C TRP A 29 18.81 -5.65 -19.00
N LEU A 30 18.66 -6.73 -19.77
CA LEU A 30 18.97 -6.79 -21.18
C LEU A 30 17.81 -7.28 -22.03
N ASN A 31 17.70 -6.76 -23.26
CA ASN A 31 16.72 -7.19 -24.27
C ASN A 31 17.44 -7.60 -25.56
N ARG A 32 18.66 -7.02 -25.80
CA ARG A 32 19.47 -7.33 -26.99
C ARG A 32 20.17 -8.63 -26.68
N ARG A 33 19.36 -9.66 -26.42
CA ARG A 33 19.84 -10.97 -26.08
C ARG A 33 18.87 -12.05 -26.56
N ALA A 34 19.35 -13.30 -26.58
CA ALA A 34 18.49 -14.41 -26.98
C ALA A 34 17.43 -14.57 -25.86
N ASN A 35 16.21 -14.96 -26.27
CA ASN A 35 15.05 -15.21 -25.42
C ASN A 35 14.69 -14.08 -24.40
N ALA A 36 14.91 -12.80 -24.84
CA ALA A 36 14.55 -11.53 -24.17
C ALA A 36 13.94 -10.64 -25.25
N LEU A 37 12.86 -9.91 -24.93
CA LEU A 37 12.21 -9.05 -25.92
C LEU A 37 11.60 -7.79 -25.33
N LEU A 38 11.27 -6.89 -26.25
CA LEU A 38 10.58 -5.63 -26.11
C LEU A 38 9.75 -5.60 -27.36
N ALA A 39 8.44 -5.37 -27.22
CA ALA A 39 7.56 -5.36 -28.38
C ALA A 39 6.45 -4.36 -28.21
N ASN A 40 5.87 -3.95 -29.34
CA ASN A 40 4.74 -3.03 -29.46
C ASN A 40 4.86 -1.77 -28.62
N GLY A 41 6.03 -1.13 -28.64
CA GLY A 41 6.23 0.15 -27.98
C GLY A 41 6.96 0.20 -26.64
N VAL A 42 7.32 -0.94 -26.05
CA VAL A 42 8.02 -0.93 -24.76
C VAL A 42 9.51 -0.63 -24.95
N GLU A 43 10.06 0.26 -24.12
CA GLU A 43 11.47 0.59 -24.23
C GLU A 43 12.20 0.28 -22.95
N LEU A 44 13.50 0.06 -23.06
CA LEU A 44 14.36 -0.19 -21.91
C LEU A 44 15.33 1.00 -21.80
N ARG A 45 15.00 1.95 -20.93
CA ARG A 45 15.78 3.17 -20.74
C ARG A 45 16.28 3.30 -19.33
N ASP A 46 17.61 3.26 -19.16
CA ASP A 46 18.29 3.42 -17.87
C ASP A 46 17.82 2.39 -16.83
N ASN A 47 17.83 1.11 -17.29
CA ASN A 47 17.48 -0.10 -16.54
C ASN A 47 16.00 -0.17 -16.13
N GLN A 48 15.11 0.51 -16.92
CA GLN A 48 13.68 0.60 -16.67
C GLN A 48 12.85 0.33 -17.91
N LEU A 49 11.67 -0.29 -17.71
CA LEU A 49 10.76 -0.57 -18.81
C LEU A 49 9.80 0.61 -18.86
N VAL A 50 9.62 1.19 -20.08
CA VAL A 50 8.80 2.39 -20.33
C VAL A 50 7.48 2.01 -21.01
N VAL A 51 6.38 2.28 -20.30
CA VAL A 51 5.01 1.97 -20.71
C VAL A 51 4.61 2.83 -21.91
N PRO A 52 4.27 2.21 -23.06
CA PRO A 52 3.92 3.01 -24.25
C PRO A 52 2.50 3.55 -24.30
N SER A 53 1.56 3.00 -23.52
CA SER A 53 0.14 3.40 -23.53
C SER A 53 -0.61 2.99 -22.27
N GLU A 54 -1.61 3.78 -21.86
CA GLU A 54 -2.49 3.53 -20.71
C GLU A 54 -3.08 2.11 -20.78
N GLY A 55 -3.37 1.53 -19.62
CA GLY A 55 -3.98 0.20 -19.56
C GLY A 55 -3.71 -0.63 -18.32
N LEU A 56 -4.35 -1.83 -18.26
CA LEU A 56 -4.13 -2.82 -17.20
C LEU A 56 -2.95 -3.63 -17.69
N TYR A 57 -1.96 -3.81 -16.82
CA TYR A 57 -0.80 -4.58 -17.17
C TYR A 57 -0.57 -5.62 -16.11
N LEU A 58 0.05 -6.74 -16.52
CA LEU A 58 0.57 -7.72 -15.60
C LEU A 58 2.06 -7.32 -15.50
N ILE A 59 2.56 -7.17 -14.28
CA ILE A 59 3.95 -6.86 -14.08
C ILE A 59 4.49 -8.05 -13.30
N TYR A 60 5.65 -8.56 -13.70
CA TYR A 60 6.26 -9.73 -13.06
C TYR A 60 7.77 -9.70 -13.10
N SER A 61 8.38 -10.36 -12.11
CA SER A 61 9.81 -10.43 -11.95
C SER A 61 10.19 -11.54 -11.02
N GLN A 62 11.26 -12.25 -11.38
CA GLN A 62 11.84 -13.26 -10.55
C GLN A 62 13.33 -13.00 -10.38
N VAL A 63 13.82 -13.22 -9.17
CA VAL A 63 15.23 -13.16 -8.83
C VAL A 63 15.56 -14.42 -8.02
N LEU A 64 16.81 -14.88 -8.10
CA LEU A 64 17.23 -16.03 -7.31
C LEU A 64 18.46 -15.72 -6.55
N PHE A 65 18.37 -15.82 -5.23
CA PHE A 65 19.52 -15.61 -4.36
C PHE A 65 20.05 -16.95 -3.91
N LYS A 66 21.36 -17.08 -3.84
CA LYS A 66 22.04 -18.28 -3.42
C LYS A 66 23.22 -17.86 -2.59
N GLY A 67 23.39 -18.54 -1.46
CA GLY A 67 24.49 -18.30 -0.55
C GLY A 67 25.09 -19.59 -0.07
N GLN A 68 26.44 -19.69 -0.05
CA GLN A 68 27.15 -20.90 0.37
C GLN A 68 27.20 -20.95 1.87
N GLY A 69 26.20 -21.58 2.47
CA GLY A 69 26.11 -21.67 3.92
C GLY A 69 25.68 -20.38 4.58
N CYS A 70 24.86 -20.51 5.66
CA CYS A 70 24.37 -19.38 6.43
C CYS A 70 25.44 -19.01 7.46
N PRO A 71 26.21 -17.90 7.28
CA PRO A 71 27.21 -17.55 8.31
C PRO A 71 26.47 -16.98 9.51
N SER A 72 27.20 -16.63 10.59
CA SER A 72 26.58 -16.06 11.80
C SER A 72 25.75 -14.78 11.52
N THR A 73 25.83 -14.24 10.27
CA THR A 73 25.10 -13.07 9.79
C THR A 73 23.61 -13.40 9.57
N HIS A 74 22.72 -12.42 9.85
CA HIS A 74 21.26 -12.52 9.67
C HIS A 74 20.87 -11.57 8.53
N VAL A 75 21.13 -12.03 7.29
CA VAL A 75 20.95 -11.32 6.02
C VAL A 75 19.50 -11.02 5.68
N LEU A 76 19.30 -9.86 5.03
CA LEU A 76 18.01 -9.43 4.53
C LEU A 76 18.10 -9.29 3.02
N LEU A 77 17.18 -9.93 2.31
CA LEU A 77 17.13 -9.88 0.85
C LEU A 77 15.84 -9.20 0.41
N THR A 78 15.94 -8.09 -0.29
CA THR A 78 14.76 -7.40 -0.80
C THR A 78 14.74 -7.46 -2.33
N HIS A 79 13.54 -7.38 -2.88
CA HIS A 79 13.29 -7.31 -4.31
C HIS A 79 12.07 -6.43 -4.42
N THR A 80 12.16 -5.38 -5.23
CA THR A 80 11.07 -4.42 -5.36
C THR A 80 10.83 -4.00 -6.79
N ILE A 81 9.54 -3.86 -7.15
CA ILE A 81 9.10 -3.27 -8.42
C ILE A 81 8.48 -1.91 -8.04
N SER A 82 9.01 -0.84 -8.63
CA SER A 82 8.56 0.53 -8.42
C SER A 82 8.08 1.16 -9.73
N ARG A 83 7.21 2.19 -9.61
CA ARG A 83 6.67 2.96 -10.73
C ARG A 83 7.01 4.45 -10.60
N ILE A 84 7.38 5.09 -11.72
CA ILE A 84 7.63 6.54 -11.83
C ILE A 84 6.67 7.05 -12.91
N ALA A 85 5.73 7.91 -12.50
CA ALA A 85 4.77 8.51 -13.43
C ALA A 85 5.09 10.02 -13.56
N VAL A 86 4.40 10.73 -14.49
CA VAL A 86 4.58 12.18 -14.70
C VAL A 86 3.57 13.01 -13.89
N THR A 90 6.33 11.58 -10.03
CA THR A 90 5.67 10.85 -8.93
C THR A 90 6.07 9.35 -8.85
N LYS A 91 6.71 9.01 -7.71
CA LYS A 91 7.30 7.72 -7.38
C LYS A 91 6.43 6.93 -6.42
N VAL A 92 6.19 5.65 -6.78
CA VAL A 92 5.38 4.73 -5.98
C VAL A 92 5.96 3.29 -5.99
N ASN A 93 5.86 2.59 -4.85
CA ASN A 93 6.26 1.19 -4.69
C ASN A 93 5.07 0.28 -5.08
N LEU A 94 5.23 -0.63 -6.07
CA LEU A 94 4.11 -1.47 -6.50
C LEU A 94 4.06 -2.81 -5.78
N LEU A 95 5.17 -3.55 -5.84
CA LEU A 95 5.32 -4.88 -5.27
C LEU A 95 6.65 -4.90 -4.60
N SER A 96 6.71 -5.54 -3.45
CA SER A 96 7.96 -5.66 -2.70
C SER A 96 7.91 -6.88 -1.81
N ALA A 97 9.06 -7.49 -1.63
CA ALA A 97 9.20 -8.68 -0.80
C ALA A 97 10.54 -8.62 -0.09
N ILE A 98 10.57 -9.08 1.16
CA ILE A 98 11.76 -9.11 1.99
C ILE A 98 11.90 -10.50 2.58
N LYS A 99 13.02 -11.17 2.31
CA LYS A 99 13.33 -12.53 2.74
C LYS A 99 14.57 -12.62 3.61
N SER A 100 14.49 -13.43 4.68
CA SER A 100 15.58 -13.66 5.64
C SER A 100 16.00 -15.11 5.50
N PRO A 101 17.06 -15.42 4.74
CA PRO A 101 17.39 -16.82 4.47
C PRO A 101 18.06 -17.55 5.63
N CYS A 102 18.53 -16.79 6.62
CA CYS A 102 19.19 -17.33 7.79
C CYS A 102 18.24 -17.34 9.00
N GLN A 103 17.40 -18.41 9.08
CA GLN A 103 16.43 -18.62 10.15
C GLN A 103 17.17 -19.33 11.28
N ARG A 104 18.17 -20.16 10.92
CA ARG A 104 19.04 -20.91 11.83
C ARG A 104 20.48 -20.91 11.24
N GLU A 105 21.31 -19.95 11.69
CA GLU A 105 22.71 -19.74 11.26
C GLU A 105 23.60 -20.92 11.67
N THR A 106 24.14 -21.64 10.65
CA THR A 106 24.96 -22.86 10.79
C THR A 106 26.15 -22.70 11.77
N PRO A 107 26.48 -23.74 12.59
CA PRO A 107 27.57 -23.59 13.57
C PRO A 107 28.99 -23.94 13.08
N GLU A 108 30.02 -23.39 13.78
CA GLU A 108 31.44 -23.62 13.52
C GLU A 108 31.79 -25.08 13.82
N GLY A 109 32.04 -25.84 12.75
CA GLY A 109 32.33 -27.26 12.78
C GLY A 109 31.45 -28.03 11.82
N ALA A 110 30.50 -27.32 11.16
CA ALA A 110 29.58 -27.90 10.18
C ALA A 110 29.99 -27.52 8.75
N GLU A 111 29.89 -28.51 7.82
CA GLU A 111 30.20 -28.36 6.38
C GLU A 111 29.19 -27.39 5.76
N ALA A 112 29.69 -26.38 5.00
CA ALA A 112 28.86 -25.34 4.37
C ALA A 112 27.70 -25.89 3.51
N LYS A 113 26.45 -25.66 3.94
CA LYS A 113 25.25 -26.10 3.21
C LYS A 113 24.60 -24.93 2.42
N PRO A 114 24.74 -24.92 1.06
CA PRO A 114 24.16 -23.81 0.27
C PRO A 114 22.65 -23.64 0.38
N TRP A 115 22.21 -22.37 0.52
CA TRP A 115 20.80 -21.99 0.60
C TRP A 115 20.33 -21.34 -0.69
N TYR A 116 19.02 -21.40 -0.91
CA TYR A 116 18.39 -20.81 -2.08
C TYR A 116 17.14 -20.09 -1.66
N GLU A 117 16.93 -18.90 -2.22
CA GLU A 117 15.72 -18.10 -1.96
C GLU A 117 15.24 -17.42 -3.23
N PRO A 118 14.23 -17.98 -3.91
CA PRO A 118 13.69 -17.27 -5.07
C PRO A 118 12.68 -16.22 -4.62
N ILE A 119 12.67 -15.05 -5.25
CA ILE A 119 11.66 -14.05 -4.93
C ILE A 119 10.91 -13.77 -6.21
N TYR A 120 9.60 -14.10 -6.22
CA TYR A 120 8.79 -13.78 -7.38
C TYR A 120 7.81 -12.73 -6.98
N LEU A 121 7.72 -11.68 -7.80
CA LEU A 121 6.80 -10.57 -7.65
C LEU A 121 5.95 -10.49 -8.89
N GLY A 122 4.67 -10.28 -8.71
CA GLY A 122 3.76 -10.17 -9.82
C GLY A 122 2.42 -9.63 -9.40
N GLY A 123 1.82 -8.81 -10.25
CA GLY A 123 0.50 -8.25 -10.00
C GLY A 123 -0.06 -7.49 -11.19
N VAL A 124 -1.34 -7.11 -11.09
CA VAL A 124 -2.05 -6.37 -12.12
C VAL A 124 -2.27 -4.92 -11.63
N PHE A 125 -1.82 -3.99 -12.46
CA PHE A 125 -1.81 -2.56 -12.20
C PHE A 125 -2.22 -1.74 -13.40
N GLN A 126 -3.02 -0.71 -13.13
CA GLN A 126 -3.42 0.26 -14.14
C GLN A 126 -2.22 1.18 -14.27
N LEU A 127 -1.69 1.29 -15.49
CA LEU A 127 -0.53 2.14 -15.79
C LEU A 127 -0.85 3.17 -16.87
N GLU A 128 -0.10 4.29 -16.85
CA GLU A 128 -0.28 5.43 -17.76
C GLU A 128 0.87 5.49 -18.75
N LYS A 129 0.65 6.13 -19.91
CA LYS A 129 1.67 6.31 -20.94
C LYS A 129 2.89 7.06 -20.35
N GLY A 130 4.10 6.55 -20.65
CA GLY A 130 5.37 7.11 -20.20
C GLY A 130 5.83 6.75 -18.80
N ASP A 131 5.11 5.80 -18.15
CA ASP A 131 5.46 5.32 -16.81
C ASP A 131 6.67 4.45 -16.91
N ARG A 132 7.56 4.60 -15.94
CA ARG A 132 8.81 3.87 -15.89
C ARG A 132 8.81 2.88 -14.75
N LEU A 133 9.03 1.58 -15.10
CA LEU A 133 9.05 0.47 -14.13
C LEU A 133 10.45 -0.05 -13.88
N SER A 134 10.80 -0.11 -12.58
CA SER A 134 12.08 -0.59 -12.12
C SER A 134 11.93 -1.85 -11.23
N ALA A 135 12.80 -2.85 -11.44
CA ALA A 135 12.86 -4.10 -10.66
C ALA A 135 14.24 -4.12 -10.01
N GLU A 136 14.32 -3.86 -8.71
CA GLU A 136 15.61 -3.73 -8.04
C GLU A 136 15.76 -4.65 -6.83
N ILE A 137 17.01 -4.99 -6.48
CA ILE A 137 17.40 -5.84 -5.34
C ILE A 137 18.41 -5.09 -4.49
N ASN A 138 18.58 -5.50 -3.23
CA ASN A 138 19.53 -4.87 -2.30
C ASN A 138 20.94 -5.51 -2.28
N ARG A 139 21.01 -6.83 -2.55
CA ARG A 139 22.22 -7.63 -2.51
C ARG A 139 22.48 -8.38 -3.84
N PRO A 140 23.09 -7.70 -4.88
CA PRO A 140 23.40 -8.39 -6.15
C PRO A 140 24.51 -9.41 -6.02
N ASP A 141 25.27 -9.37 -4.91
CA ASP A 141 26.38 -10.30 -4.60
C ASP A 141 25.83 -11.70 -4.36
N TYR A 142 24.56 -11.82 -3.94
CA TYR A 142 23.87 -13.09 -3.72
C TYR A 142 23.10 -13.60 -4.93
N LEU A 143 23.11 -12.87 -6.07
CA LEU A 143 22.39 -13.27 -7.29
C LEU A 143 22.99 -14.51 -7.87
N ASP A 144 22.14 -15.46 -8.33
CA ASP A 144 22.57 -16.72 -8.93
C ASP A 144 22.38 -16.76 -10.44
N PHE A 145 23.53 -16.94 -11.16
CA PHE A 145 23.63 -17.04 -12.62
C PHE A 145 24.15 -18.40 -13.13
N ALA A 146 24.12 -19.45 -12.25
CA ALA A 146 24.56 -20.82 -12.57
C ALA A 146 23.83 -21.37 -13.82
N GLU A 147 22.60 -20.88 -14.07
CA GLU A 147 21.77 -21.24 -15.21
C GLU A 147 21.03 -19.99 -15.73
N SER A 148 20.38 -20.12 -16.90
CA SER A 148 19.60 -19.02 -17.46
C SER A 148 18.11 -19.31 -17.19
N GLY A 149 17.26 -18.27 -17.24
CA GLY A 149 15.84 -18.40 -16.99
C GLY A 149 15.45 -18.12 -15.56
N GLN A 150 16.45 -17.85 -14.68
CA GLN A 150 16.24 -17.58 -13.23
C GLN A 150 15.98 -16.11 -12.84
N VAL A 151 16.66 -15.15 -13.46
CA VAL A 151 16.47 -13.73 -13.10
C VAL A 151 15.88 -13.00 -14.33
N TYR A 152 14.63 -12.48 -14.24
CA TYR A 152 13.92 -11.81 -15.35
C TYR A 152 12.90 -10.80 -14.82
N PHE A 153 12.38 -9.96 -15.73
CA PHE A 153 11.45 -8.86 -15.46
C PHE A 153 10.63 -8.61 -16.75
N GLY A 154 9.32 -8.50 -16.60
CA GLY A 154 8.46 -8.38 -17.76
C GLY A 154 7.14 -7.73 -17.48
N ILE A 155 6.49 -7.27 -18.53
CA ILE A 155 5.18 -6.63 -18.46
C ILE A 155 4.36 -7.14 -19.64
N ILE A 156 3.10 -7.47 -19.42
CA ILE A 156 2.19 -7.95 -20.45
C ILE A 156 0.94 -7.11 -20.37
N ALA A 157 0.60 -6.43 -21.47
CA ALA A 157 -0.62 -5.61 -21.48
C ALA A 157 -1.81 -6.53 -21.63
N LEU A 158 -2.85 -6.29 -20.85
CA LEU A 158 -4.07 -7.10 -20.86
C LEU A 158 -5.10 -6.55 -21.85
N LYS B 12 -12.59 -8.21 -28.20
CA LYS B 12 -13.03 -9.46 -27.60
C LYS B 12 -13.43 -9.27 -26.11
N PRO B 13 -14.36 -10.10 -25.58
CA PRO B 13 -14.80 -9.91 -24.18
C PRO B 13 -13.72 -10.17 -23.12
N VAL B 14 -13.76 -9.40 -22.04
CA VAL B 14 -12.75 -9.43 -20.98
C VAL B 14 -13.32 -9.18 -19.54
N ALA B 15 -12.60 -9.68 -18.50
CA ALA B 15 -12.98 -9.50 -17.09
C ALA B 15 -11.76 -9.42 -16.23
N HIS B 16 -11.80 -8.56 -15.26
CA HIS B 16 -10.79 -8.41 -14.22
C HIS B 16 -11.55 -7.93 -13.04
N VAL B 17 -11.83 -8.87 -12.12
CA VAL B 17 -12.57 -8.65 -10.89
C VAL B 17 -11.56 -8.67 -9.80
N VAL B 18 -11.86 -8.01 -8.71
CA VAL B 18 -10.94 -7.77 -7.62
C VAL B 18 -11.62 -8.16 -6.32
N ALA B 19 -10.87 -8.53 -5.25
CA ALA B 19 -11.50 -8.90 -3.97
C ALA B 19 -12.12 -7.68 -3.24
N ASN B 20 -13.25 -7.91 -2.51
CA ASN B 20 -13.93 -6.88 -1.74
C ASN B 20 -13.19 -6.72 -0.43
N PRO B 21 -12.47 -5.58 -0.21
CA PRO B 21 -11.64 -5.45 0.99
C PRO B 21 -12.39 -5.29 2.31
N GLN B 22 -13.68 -4.88 2.28
CA GLN B 22 -14.47 -4.76 3.50
C GLN B 22 -15.21 -6.06 3.80
N ALA B 23 -15.48 -6.91 2.76
CA ALA B 23 -16.16 -8.20 2.92
C ALA B 23 -15.22 -9.24 3.52
N GLU B 24 -14.80 -9.00 4.77
CA GLU B 24 -13.88 -9.87 5.47
C GLU B 24 -14.54 -11.18 5.87
N GLY B 25 -13.73 -12.25 5.84
CA GLY B 25 -14.15 -13.63 6.13
C GLY B 25 -14.73 -14.35 4.93
N GLN B 26 -14.62 -13.72 3.71
CA GLN B 26 -15.10 -14.24 2.44
C GLN B 26 -14.21 -13.79 1.25
N LEU B 27 -14.26 -14.57 0.13
CA LEU B 27 -13.58 -14.15 -1.10
C LEU B 27 -14.69 -13.78 -2.08
N GLN B 28 -15.06 -12.49 -2.05
CA GLN B 28 -16.13 -11.91 -2.85
C GLN B 28 -15.51 -11.01 -3.88
N TRP B 29 -15.81 -11.30 -5.13
CA TRP B 29 -15.31 -10.54 -6.26
C TRP B 29 -16.18 -9.34 -6.58
N LEU B 30 -15.53 -8.22 -6.96
CA LEU B 30 -16.15 -6.96 -7.35
C LEU B 30 -15.74 -6.62 -8.76
N ASN B 31 -16.71 -6.25 -9.59
CA ASN B 31 -16.37 -5.83 -10.94
C ASN B 31 -16.27 -4.28 -11.03
N ARG B 32 -15.80 -3.76 -12.19
CA ARG B 32 -15.62 -2.34 -12.49
C ARG B 32 -16.93 -1.78 -13.05
N GLY B 41 -19.24 -9.72 -23.06
CA GLY B 41 -20.31 -10.12 -22.16
C GLY B 41 -19.81 -10.87 -20.95
N VAL B 42 -18.65 -10.45 -20.41
CA VAL B 42 -18.15 -11.16 -19.23
C VAL B 42 -18.80 -10.58 -17.98
N GLU B 43 -19.89 -11.22 -17.60
CA GLU B 43 -20.70 -10.91 -16.44
C GLU B 43 -20.29 -11.76 -15.22
N LEU B 44 -20.13 -11.10 -14.08
CA LEU B 44 -19.89 -11.71 -12.77
C LEU B 44 -21.28 -11.96 -12.18
N ARG B 45 -21.71 -13.21 -12.17
CA ARG B 45 -23.01 -13.61 -11.64
C ARG B 45 -22.77 -14.61 -10.53
N ASP B 46 -23.29 -14.32 -9.34
CA ASP B 46 -23.21 -15.19 -8.15
C ASP B 46 -21.77 -15.56 -7.79
N ASN B 47 -20.86 -14.56 -7.75
CA ASN B 47 -19.40 -14.70 -7.46
C ASN B 47 -18.63 -15.58 -8.51
N GLN B 48 -19.23 -15.81 -9.70
CA GLN B 48 -18.68 -16.60 -10.78
C GLN B 48 -18.63 -15.82 -12.12
N LEU B 49 -17.66 -16.16 -12.99
CA LEU B 49 -17.56 -15.54 -14.30
C LEU B 49 -18.34 -16.36 -15.33
N VAL B 50 -19.16 -15.67 -16.12
CA VAL B 50 -19.99 -16.37 -17.10
C VAL B 50 -19.45 -16.10 -18.48
N VAL B 51 -19.15 -17.19 -19.16
CA VAL B 51 -18.58 -17.27 -20.50
C VAL B 51 -19.62 -16.73 -21.50
N PRO B 52 -19.41 -15.54 -22.07
CA PRO B 52 -20.43 -15.00 -22.98
C PRO B 52 -20.66 -15.79 -24.24
N SER B 53 -19.61 -16.44 -24.77
CA SER B 53 -19.65 -17.19 -26.03
C SER B 53 -18.58 -18.26 -26.10
N GLU B 54 -18.78 -19.27 -26.95
CA GLU B 54 -17.83 -20.35 -27.18
C GLU B 54 -16.43 -19.80 -27.59
N GLY B 55 -15.38 -20.49 -27.15
CA GLY B 55 -14.02 -20.10 -27.51
C GLY B 55 -12.91 -20.31 -26.51
N LEU B 56 -11.72 -19.86 -26.91
CA LEU B 56 -10.52 -19.96 -26.11
C LEU B 56 -10.43 -18.77 -25.21
N TYR B 57 -10.18 -19.03 -23.94
CA TYR B 57 -10.01 -17.99 -22.93
C TYR B 57 -8.76 -18.20 -22.11
N LEU B 58 -8.12 -17.12 -21.73
CA LEU B 58 -7.01 -17.18 -20.81
C LEU B 58 -7.67 -16.91 -19.44
N ILE B 59 -7.45 -17.80 -18.48
CA ILE B 59 -8.04 -17.66 -17.14
C ILE B 59 -6.90 -17.49 -16.14
N TYR B 60 -7.04 -16.55 -15.22
CA TYR B 60 -5.99 -16.24 -14.25
C TYR B 60 -6.55 -15.75 -12.93
N SER B 61 -5.74 -15.94 -11.88
CA SER B 61 -6.05 -15.53 -10.54
C SER B 61 -4.81 -15.45 -9.69
N GLN B 62 -4.84 -14.50 -8.75
CA GLN B 62 -3.84 -14.37 -7.70
C GLN B 62 -4.53 -14.08 -6.42
N VAL B 63 -4.17 -14.83 -5.39
CA VAL B 63 -4.62 -14.63 -4.01
C VAL B 63 -3.38 -14.44 -3.15
N LEU B 64 -3.50 -13.64 -2.11
CA LEU B 64 -2.38 -13.35 -1.23
C LEU B 64 -2.83 -13.65 0.19
N PHE B 65 -2.11 -14.58 0.87
CA PHE B 65 -2.37 -14.98 2.25
C PHE B 65 -1.34 -14.34 3.17
N LYS B 66 -1.76 -14.04 4.40
CA LYS B 66 -0.93 -13.43 5.45
C LYS B 66 -1.32 -13.98 6.82
N GLY B 67 -0.30 -14.25 7.64
CA GLY B 67 -0.47 -14.74 9.00
C GLY B 67 0.61 -14.19 9.92
N GLN B 68 0.21 -13.74 11.14
CA GLN B 68 1.13 -13.18 12.15
C GLN B 68 1.73 -14.35 12.92
N GLY B 69 2.85 -14.86 12.44
CA GLY B 69 3.51 -16.03 13.04
C GLY B 69 2.76 -17.32 12.79
N CYS B 70 3.50 -18.42 12.68
CA CYS B 70 2.92 -19.73 12.39
C CYS B 70 2.20 -20.40 13.60
N PRO B 71 0.93 -20.87 13.43
CA PRO B 71 0.21 -21.50 14.56
C PRO B 71 0.56 -22.95 14.92
N SER B 72 -0.18 -23.45 15.93
CA SER B 72 -0.16 -24.79 16.53
C SER B 72 -0.37 -25.87 15.46
N THR B 73 -1.54 -25.82 14.78
CA THR B 73 -1.89 -26.77 13.72
C THR B 73 -1.15 -26.42 12.41
N HIS B 74 -0.85 -27.45 11.58
CA HIS B 74 -0.22 -27.27 10.27
C HIS B 74 -1.28 -26.80 9.28
N VAL B 75 -1.09 -25.57 8.74
CA VAL B 75 -2.02 -24.92 7.82
C VAL B 75 -1.73 -25.19 6.34
N LEU B 76 -2.82 -25.48 5.59
CA LEU B 76 -2.82 -25.73 4.15
C LEU B 76 -3.64 -24.64 3.48
N LEU B 77 -3.02 -23.94 2.52
CA LEU B 77 -3.65 -22.86 1.78
C LEU B 77 -3.93 -23.31 0.36
N THR B 78 -5.20 -23.39 -0.03
CA THR B 78 -5.52 -23.82 -1.38
C THR B 78 -6.14 -22.68 -2.13
N HIS B 79 -5.87 -22.66 -3.44
CA HIS B 79 -6.48 -21.72 -4.35
C HIS B 79 -6.79 -22.49 -5.61
N THR B 80 -8.06 -22.46 -6.02
CA THR B 80 -8.54 -23.23 -7.16
C THR B 80 -9.50 -22.45 -8.05
N ILE B 81 -9.34 -22.59 -9.39
CA ILE B 81 -10.27 -22.07 -10.41
C ILE B 81 -10.95 -23.32 -10.90
N SER B 82 -12.29 -23.29 -10.90
CA SER B 82 -13.17 -24.40 -11.31
C SER B 82 -14.06 -23.96 -12.43
N ARG B 83 -14.48 -24.95 -13.23
CA ARG B 83 -15.42 -24.80 -14.32
C ARG B 83 -16.65 -25.61 -13.98
N ILE B 84 -17.83 -25.02 -14.25
CA ILE B 84 -19.13 -25.68 -14.18
C ILE B 84 -19.63 -25.64 -15.61
N ALA B 85 -19.38 -26.76 -16.36
CA ALA B 85 -19.76 -26.90 -17.77
C ALA B 85 -21.30 -26.83 -17.90
N VAL B 86 -21.84 -25.87 -18.69
CA VAL B 86 -23.29 -25.65 -18.88
C VAL B 86 -24.03 -26.95 -19.32
N SER B 87 -23.40 -27.72 -20.24
CA SER B 87 -23.92 -28.98 -20.78
C SER B 87 -24.07 -30.11 -19.73
N TYR B 88 -23.05 -30.34 -18.85
CA TYR B 88 -23.09 -31.43 -17.87
C TYR B 88 -23.27 -30.92 -16.39
N GLN B 89 -23.45 -29.61 -16.15
CA GLN B 89 -23.69 -29.05 -14.80
C GLN B 89 -22.73 -29.54 -13.66
N THR B 90 -21.53 -30.06 -13.99
CA THR B 90 -20.57 -30.55 -12.99
C THR B 90 -19.45 -29.58 -12.74
N LYS B 91 -18.81 -29.64 -11.53
CA LYS B 91 -17.72 -28.77 -11.08
C LYS B 91 -16.37 -29.46 -11.18
N VAL B 92 -15.48 -28.95 -12.05
CA VAL B 92 -14.14 -29.52 -12.30
C VAL B 92 -13.10 -28.46 -12.09
N ASN B 93 -12.02 -28.81 -11.34
CA ASN B 93 -10.87 -27.93 -11.19
C ASN B 93 -10.13 -27.82 -12.51
N LEU B 94 -9.93 -26.59 -12.99
CA LEU B 94 -9.14 -26.31 -14.19
C LEU B 94 -7.68 -26.11 -13.75
N LEU B 95 -7.49 -25.28 -12.70
CA LEU B 95 -6.18 -24.90 -12.18
C LEU B 95 -6.29 -24.90 -10.68
N SER B 96 -5.32 -25.45 -9.98
CA SER B 96 -5.32 -25.53 -8.54
C SER B 96 -3.92 -25.66 -7.96
N ALA B 97 -3.67 -25.03 -6.82
CA ALA B 97 -2.40 -25.11 -6.12
C ALA B 97 -2.65 -25.16 -4.61
N ILE B 98 -1.71 -25.75 -3.90
CA ILE B 98 -1.82 -25.89 -2.47
C ILE B 98 -0.45 -25.52 -1.89
N LYS B 99 -0.46 -24.69 -0.82
CA LYS B 99 0.74 -24.15 -0.15
C LYS B 99 0.73 -24.40 1.36
N SER B 100 1.89 -24.77 1.95
CA SER B 100 2.03 -24.99 3.39
C SER B 100 2.98 -23.91 3.93
N PRO B 101 2.46 -22.85 4.58
CA PRO B 101 3.36 -21.76 5.03
C PRO B 101 4.12 -22.06 6.34
N CYS B 102 3.80 -23.19 7.01
CA CYS B 102 4.40 -23.55 8.31
C CYS B 102 5.47 -24.66 8.22
N GLN B 103 6.66 -24.35 8.75
N LYS B 113 7.05 -14.15 13.77
CA LYS B 113 7.32 -13.36 12.56
C LYS B 113 6.19 -13.50 11.52
N PRO B 114 5.60 -12.38 11.00
CA PRO B 114 4.54 -12.51 10.01
C PRO B 114 5.00 -13.09 8.66
N TRP B 115 4.17 -13.97 8.09
CA TRP B 115 4.43 -14.61 6.80
C TRP B 115 3.48 -14.10 5.72
N TYR B 116 3.93 -14.19 4.46
CA TYR B 116 3.19 -13.79 3.28
C TYR B 116 3.33 -14.86 2.22
N GLU B 117 2.20 -15.39 1.73
CA GLU B 117 2.19 -16.43 0.73
C GLU B 117 1.24 -16.16 -0.44
N PRO B 118 1.77 -15.79 -1.63
CA PRO B 118 0.88 -15.61 -2.79
C PRO B 118 0.66 -16.95 -3.52
N ILE B 119 -0.48 -17.10 -4.18
CA ILE B 119 -0.76 -18.23 -5.05
C ILE B 119 -1.23 -17.67 -6.40
N TYR B 120 -0.54 -18.09 -7.48
CA TYR B 120 -0.73 -17.72 -8.87
C TYR B 120 -1.32 -18.85 -9.67
N LEU B 121 -2.35 -18.57 -10.44
CA LEU B 121 -2.91 -19.59 -11.35
C LEU B 121 -3.23 -18.95 -12.70
N GLY B 122 -2.98 -19.68 -13.77
CA GLY B 122 -3.31 -19.21 -15.10
C GLY B 122 -3.06 -20.22 -16.16
N GLY B 123 -3.99 -20.33 -17.12
CA GLY B 123 -3.92 -21.23 -18.26
C GLY B 123 -4.97 -20.93 -19.32
N VAL B 124 -4.84 -21.52 -20.51
CA VAL B 124 -5.78 -21.34 -21.62
C VAL B 124 -6.73 -22.51 -21.69
N PHE B 125 -8.04 -22.20 -21.80
CA PHE B 125 -9.10 -23.20 -21.82
C PHE B 125 -10.13 -22.90 -22.89
N GLN B 126 -10.60 -23.95 -23.58
CA GLN B 126 -11.68 -23.85 -24.56
C GLN B 126 -13.00 -23.94 -23.69
N LEU B 127 -13.74 -22.86 -23.66
CA LEU B 127 -14.99 -22.77 -22.89
C LEU B 127 -16.23 -22.57 -23.79
N GLU B 128 -17.39 -22.99 -23.29
CA GLU B 128 -18.70 -22.92 -23.97
C GLU B 128 -19.57 -21.79 -23.40
N LYS B 129 -20.49 -21.22 -24.22
CA LYS B 129 -21.41 -20.14 -23.78
C LYS B 129 -22.22 -20.61 -22.56
N GLY B 130 -22.21 -19.84 -21.49
CA GLY B 130 -22.98 -20.19 -20.30
C GLY B 130 -22.23 -20.87 -19.17
N ASP B 131 -21.03 -21.44 -19.48
CA ASP B 131 -20.09 -22.06 -18.53
C ASP B 131 -19.77 -21.09 -17.40
N ARG B 132 -19.69 -21.59 -16.16
CA ARG B 132 -19.39 -20.75 -15.02
C ARG B 132 -18.00 -21.02 -14.49
N LEU B 133 -17.29 -19.97 -14.11
CA LEU B 133 -15.95 -20.07 -13.56
C LEU B 133 -15.93 -19.51 -12.16
N SER B 134 -15.32 -20.26 -11.24
CA SER B 134 -15.18 -19.82 -9.86
C SER B 134 -13.72 -19.86 -9.41
N ALA B 135 -13.30 -18.85 -8.66
CA ALA B 135 -11.96 -18.75 -8.11
C ALA B 135 -12.20 -18.75 -6.61
N GLU B 136 -11.82 -19.86 -5.97
CA GLU B 136 -12.09 -20.12 -4.56
C GLU B 136 -10.84 -20.40 -3.74
N ILE B 137 -10.92 -20.15 -2.45
CA ILE B 137 -9.88 -20.42 -1.47
C ILE B 137 -10.52 -21.20 -0.32
N ASN B 138 -9.71 -21.87 0.48
CA ASN B 138 -10.18 -22.66 1.62
C ASN B 138 -10.15 -21.84 2.96
N ARG B 139 -9.16 -20.95 3.11
CA ARG B 139 -8.98 -20.15 4.32
C ARG B 139 -9.11 -18.63 4.10
N PRO B 140 -10.36 -18.08 4.07
CA PRO B 140 -10.53 -16.60 3.92
C PRO B 140 -10.07 -15.78 5.12
N ASP B 141 -9.90 -16.44 6.29
CA ASP B 141 -9.39 -15.83 7.51
C ASP B 141 -7.94 -15.42 7.31
N TYR B 142 -7.24 -16.08 6.36
CA TYR B 142 -5.85 -15.78 6.06
C TYR B 142 -5.66 -14.83 4.87
N LEU B 143 -6.76 -14.43 4.22
CA LEU B 143 -6.70 -13.53 3.10
C LEU B 143 -6.26 -12.12 3.47
N ASP B 144 -5.21 -11.60 2.81
CA ASP B 144 -4.73 -10.23 3.00
C ASP B 144 -5.43 -9.25 2.03
N PHE B 145 -6.19 -8.29 2.57
CA PHE B 145 -6.92 -7.30 1.76
C PHE B 145 -6.14 -6.01 1.55
N ALA B 146 -5.06 -5.80 2.36
CA ALA B 146 -4.14 -4.65 2.31
C ALA B 146 -3.54 -4.35 0.92
N GLU B 147 -3.80 -5.25 -0.07
CA GLU B 147 -3.41 -5.16 -1.49
C GLU B 147 -4.57 -5.66 -2.37
N SER B 148 -4.80 -4.94 -3.51
CA SER B 148 -5.83 -5.24 -4.51
C SER B 148 -5.16 -5.58 -5.85
N GLY B 149 -3.94 -5.06 -6.00
CA GLY B 149 -3.06 -5.31 -7.15
C GLY B 149 -2.49 -6.70 -7.04
N GLN B 150 -2.88 -7.42 -5.95
CA GLN B 150 -2.47 -8.78 -5.68
C GLN B 150 -3.64 -9.75 -5.42
N VAL B 151 -4.90 -9.29 -5.31
CA VAL B 151 -6.02 -10.23 -5.15
C VAL B 151 -7.09 -9.97 -6.25
N TYR B 152 -7.00 -10.74 -7.34
CA TYR B 152 -7.83 -10.59 -8.53
C TYR B 152 -8.12 -11.94 -9.15
N PHE B 153 -9.00 -11.93 -10.15
CA PHE B 153 -9.47 -13.08 -10.91
C PHE B 153 -9.96 -12.49 -12.21
N GLY B 154 -9.57 -13.10 -13.31
CA GLY B 154 -9.96 -12.55 -14.60
C GLY B 154 -9.96 -13.59 -15.69
N ILE B 155 -10.51 -13.20 -16.85
CA ILE B 155 -10.58 -13.96 -18.10
C ILE B 155 -10.36 -13.01 -19.30
N ILE B 156 -9.71 -13.49 -20.36
CA ILE B 156 -9.45 -12.71 -21.57
C ILE B 156 -9.76 -13.62 -22.73
N ALA B 157 -10.67 -13.20 -23.62
CA ALA B 157 -11.03 -14.00 -24.77
C ALA B 157 -9.99 -13.83 -25.83
N LEU B 158 -9.46 -14.95 -26.32
CA LEU B 158 -8.41 -14.94 -27.34
C LEU B 158 -8.96 -14.91 -28.77
N THR C 8 -16.79 -17.29 -35.19
CA THR C 8 -15.44 -17.04 -35.71
C THR C 8 -14.35 -17.47 -34.69
N PRO C 9 -14.00 -18.79 -34.64
CA PRO C 9 -12.99 -19.25 -33.67
C PRO C 9 -11.59 -18.68 -33.97
N SER C 10 -10.79 -18.50 -32.92
CA SER C 10 -9.43 -18.02 -33.08
C SER C 10 -8.58 -19.15 -33.64
N ASP C 11 -7.80 -18.83 -34.66
CA ASP C 11 -6.91 -19.74 -35.37
C ASP C 11 -5.49 -19.62 -34.77
N LYS C 12 -5.42 -19.07 -33.54
CA LYS C 12 -4.20 -18.81 -32.79
C LYS C 12 -3.69 -20.08 -32.12
N PRO C 13 -2.44 -20.53 -32.44
CA PRO C 13 -1.91 -21.77 -31.82
C PRO C 13 -1.93 -21.75 -30.30
N VAL C 14 -2.65 -22.72 -29.73
CA VAL C 14 -2.75 -22.86 -28.29
C VAL C 14 -2.45 -24.28 -27.88
N ALA C 15 -2.02 -24.44 -26.62
CA ALA C 15 -1.79 -25.74 -25.99
C ALA C 15 -1.89 -25.54 -24.50
N HIS C 16 -2.50 -26.52 -23.85
CA HIS C 16 -2.65 -26.67 -22.40
C HIS C 16 -2.68 -28.14 -22.12
N VAL C 17 -1.53 -28.69 -21.77
CA VAL C 17 -1.35 -30.11 -21.51
C VAL C 17 -1.15 -30.35 -20.02
N VAL C 18 -1.58 -31.50 -19.55
CA VAL C 18 -1.60 -31.81 -18.12
C VAL C 18 -0.77 -33.04 -17.85
N ALA C 19 -0.28 -33.22 -16.60
CA ALA C 19 0.52 -34.40 -16.29
C ALA C 19 -0.31 -35.64 -16.22
N ASN C 20 0.29 -36.78 -16.60
CA ASN C 20 -0.29 -38.12 -16.55
C ASN C 20 -0.12 -38.61 -15.11
N PRO C 21 -1.23 -38.77 -14.32
CA PRO C 21 -1.06 -39.17 -12.90
C PRO C 21 -0.61 -40.63 -12.68
N GLN C 22 -0.45 -41.38 -13.80
CA GLN C 22 -0.02 -42.76 -13.86
C GLN C 22 1.50 -42.94 -13.99
N ALA C 23 2.21 -41.97 -14.61
CA ALA C 23 3.65 -42.03 -14.91
C ALA C 23 4.62 -42.01 -13.70
N GLU C 24 5.10 -43.24 -13.36
CA GLU C 24 6.07 -43.59 -12.29
C GLU C 24 7.39 -42.89 -12.56
N GLY C 25 7.81 -42.11 -11.56
CA GLY C 25 9.07 -41.38 -11.53
C GLY C 25 9.35 -40.48 -12.72
N GLN C 26 8.29 -39.88 -13.33
CA GLN C 26 8.44 -38.92 -14.44
C GLN C 26 7.23 -37.98 -14.58
N LEU C 27 7.41 -36.93 -15.39
CA LEU C 27 6.43 -35.90 -15.68
C LEU C 27 6.09 -35.94 -17.18
N GLN C 28 5.01 -36.67 -17.50
CA GLN C 28 4.54 -36.95 -18.85
C GLN C 28 3.36 -36.11 -19.13
N TRP C 29 3.38 -35.37 -20.26
CA TRP C 29 2.26 -34.48 -20.62
C TRP C 29 1.23 -35.13 -21.49
N LEU C 30 -0.04 -34.83 -21.23
CA LEU C 30 -1.17 -35.32 -22.00
C LEU C 30 -2.04 -34.21 -22.46
N ASN C 31 -2.53 -34.32 -23.69
CA ASN C 31 -3.51 -33.48 -24.40
C ASN C 31 -4.85 -34.23 -24.49
N ARG C 32 -4.80 -35.59 -24.36
CA ARG C 32 -5.91 -36.53 -24.42
C ARG C 32 -6.57 -36.71 -23.04
N ARG C 33 -7.05 -35.57 -22.47
CA ARG C 33 -7.73 -35.47 -21.16
C ARG C 33 -8.71 -34.34 -21.24
N ALA C 34 -9.61 -34.25 -20.22
CA ALA C 34 -10.63 -33.18 -20.10
C ALA C 34 -9.92 -31.91 -19.76
N ASN C 35 -10.41 -30.77 -20.32
CA ASN C 35 -9.87 -29.43 -20.10
C ASN C 35 -8.35 -29.27 -20.37
N ALA C 36 -7.85 -30.01 -21.38
CA ALA C 36 -6.49 -30.02 -21.93
C ALA C 36 -6.73 -29.85 -23.41
N LEU C 37 -5.87 -29.10 -24.09
CA LEU C 37 -6.02 -28.88 -25.52
C LEU C 37 -4.67 -28.78 -26.25
N LEU C 38 -4.71 -28.89 -27.58
CA LEU C 38 -3.61 -28.76 -28.55
C LEU C 38 -4.35 -28.31 -29.73
N ALA C 39 -4.28 -27.03 -30.07
CA ALA C 39 -5.04 -26.54 -31.22
C ALA C 39 -4.21 -25.68 -32.17
N ASN C 40 -4.75 -25.49 -33.38
CA ASN C 40 -4.28 -24.61 -34.43
C ASN C 40 -2.82 -24.83 -34.83
N GLY C 41 -2.39 -26.09 -34.86
CA GLY C 41 -1.05 -26.43 -35.31
C GLY C 41 -0.04 -26.93 -34.30
N VAL C 42 -0.36 -26.89 -33.00
CA VAL C 42 0.57 -27.32 -31.93
C VAL C 42 0.57 -28.81 -31.84
N GLU C 43 1.75 -29.42 -31.71
CA GLU C 43 1.86 -30.87 -31.57
C GLU C 43 2.59 -31.22 -30.28
N LEU C 44 2.38 -32.46 -29.81
CA LEU C 44 3.06 -33.00 -28.64
C LEU C 44 3.95 -34.18 -29.05
N ARG C 45 5.21 -33.92 -29.36
CA ARG C 45 6.13 -35.00 -29.75
C ARG C 45 7.28 -35.16 -28.76
N ASP C 46 7.47 -36.38 -28.23
CA ASP C 46 8.53 -36.72 -27.28
C ASP C 46 8.50 -35.80 -26.02
N ASN C 47 7.28 -35.61 -25.45
CA ASN C 47 6.97 -34.80 -24.26
C ASN C 47 7.26 -33.32 -24.44
N GLN C 48 7.30 -32.87 -25.71
CA GLN C 48 7.58 -31.51 -26.10
C GLN C 48 6.47 -30.90 -26.89
N LEU C 49 6.23 -29.63 -26.66
CA LEU C 49 5.26 -28.92 -27.46
C LEU C 49 6.03 -28.40 -28.64
N VAL C 50 5.49 -28.60 -29.87
CA VAL C 50 6.15 -28.16 -31.10
C VAL C 50 5.44 -26.93 -31.66
N VAL C 51 6.21 -25.83 -31.82
CA VAL C 51 5.70 -24.53 -32.31
C VAL C 51 5.36 -24.58 -33.80
N PRO C 52 4.09 -24.35 -34.19
CA PRO C 52 3.73 -24.41 -35.63
C PRO C 52 4.20 -23.27 -36.51
N SER C 53 4.37 -22.07 -35.94
CA SER C 53 4.70 -20.85 -36.67
C SER C 53 5.37 -19.80 -35.80
N GLU C 54 6.08 -18.85 -36.42
CA GLU C 54 6.73 -17.71 -35.81
C GLU C 54 5.71 -16.80 -35.10
N GLY C 55 6.16 -16.03 -34.11
CA GLY C 55 5.35 -15.07 -33.37
C GLY C 55 5.65 -15.02 -31.89
N LEU C 56 5.04 -14.06 -31.20
CA LEU C 56 5.16 -13.90 -29.75
C LEU C 56 4.16 -14.84 -29.17
N TYR C 57 4.60 -15.52 -28.11
CA TYR C 57 3.83 -16.49 -27.36
C TYR C 57 3.97 -16.22 -25.88
N LEU C 58 2.94 -16.58 -25.16
CA LEU C 58 2.90 -16.58 -23.73
C LEU C 58 3.18 -18.04 -23.42
N ILE C 59 4.16 -18.29 -22.56
CA ILE C 59 4.53 -19.63 -22.15
C ILE C 59 4.35 -19.74 -20.66
N TYR C 60 3.78 -20.87 -20.21
CA TYR C 60 3.56 -21.10 -18.81
C TYR C 60 3.63 -22.58 -18.40
N SER C 61 3.80 -22.80 -17.08
CA SER C 61 3.81 -24.09 -16.44
C SER C 61 3.72 -23.99 -14.95
N GLN C 62 3.03 -24.95 -14.35
CA GLN C 62 2.96 -25.11 -12.92
C GLN C 62 3.20 -26.57 -12.63
N VAL C 63 3.95 -26.82 -11.56
CA VAL C 63 4.18 -28.12 -10.96
C VAL C 63 3.96 -28.01 -9.46
N LEU C 64 3.37 -29.04 -8.86
CA LEU C 64 3.15 -29.08 -7.42
C LEU C 64 3.95 -30.23 -6.82
N PHE C 65 4.83 -29.92 -5.87
CA PHE C 65 5.63 -30.91 -5.14
C PHE C 65 5.04 -31.05 -3.73
N LYS C 66 5.06 -32.29 -3.19
CA LYS C 66 4.55 -32.67 -1.87
C LYS C 66 5.45 -33.77 -1.29
N GLY C 67 5.83 -33.59 -0.06
CA GLY C 67 6.64 -34.57 0.66
C GLY C 67 6.06 -34.82 2.03
N GLN C 68 6.08 -36.09 2.50
CA GLN C 68 5.55 -36.46 3.83
C GLN C 68 6.64 -36.20 4.87
N GLY C 69 6.67 -34.96 5.36
CA GLY C 69 7.65 -34.49 6.33
C GLY C 69 8.97 -34.18 5.69
N CYS C 70 9.69 -33.17 6.23
CA CYS C 70 10.97 -32.79 5.68
C CYS C 70 12.08 -33.80 5.97
N PRO C 71 12.20 -34.41 7.19
CA PRO C 71 13.23 -35.44 7.39
C PRO C 71 13.40 -36.36 6.15
N SER C 72 14.62 -36.42 5.59
CA SER C 72 15.82 -35.83 6.18
C SER C 72 16.51 -34.79 5.29
N THR C 73 17.73 -35.16 4.76
CA THR C 73 18.71 -34.41 3.97
C THR C 73 18.07 -33.38 3.01
N HIS C 74 18.78 -32.24 2.84
CA HIS C 74 18.41 -31.09 2.02
C HIS C 74 18.02 -31.46 0.57
N VAL C 75 16.77 -31.08 0.20
CA VAL C 75 16.21 -31.34 -1.11
C VAL C 75 16.05 -30.09 -1.95
N LEU C 76 16.49 -30.17 -3.21
CA LEU C 76 16.39 -29.10 -4.19
C LEU C 76 15.36 -29.45 -5.24
N LEU C 77 14.38 -28.58 -5.45
CA LEU C 77 13.33 -28.80 -6.43
C LEU C 77 13.46 -27.83 -7.57
N THR C 78 13.79 -28.32 -8.75
CA THR C 78 13.87 -27.42 -9.90
C THR C 78 12.68 -27.66 -10.84
N HIS C 79 12.28 -26.62 -11.53
CA HIS C 79 11.29 -26.66 -12.58
C HIS C 79 11.78 -25.68 -13.64
N THR C 80 11.83 -26.14 -14.88
CA THR C 80 12.41 -25.43 -15.99
C THR C 80 11.58 -25.63 -17.25
N ILE C 81 11.45 -24.53 -18.01
CA ILE C 81 10.87 -24.49 -19.35
C ILE C 81 12.05 -24.18 -20.23
N SER C 82 12.31 -25.04 -21.21
CA SER C 82 13.41 -24.96 -22.15
C SER C 82 12.89 -24.86 -23.59
N ARG C 83 13.76 -24.36 -24.45
CA ARG C 83 13.55 -24.20 -25.88
C ARG C 83 14.70 -24.88 -26.67
N ILE C 84 14.33 -25.56 -27.77
CA ILE C 84 15.29 -26.13 -28.72
C ILE C 84 14.91 -25.55 -30.08
N ALA C 85 15.80 -24.74 -30.67
CA ALA C 85 15.54 -24.19 -32.01
C ALA C 85 15.82 -25.27 -33.12
N VAL C 86 15.18 -25.14 -34.30
CA VAL C 86 15.37 -26.05 -35.44
C VAL C 86 16.85 -25.95 -35.87
N SER C 87 17.54 -27.13 -35.95
CA SER C 87 18.97 -27.35 -36.27
C SER C 87 19.88 -27.35 -35.02
N TYR C 88 19.29 -27.04 -33.84
CA TYR C 88 19.95 -27.07 -32.54
C TYR C 88 19.49 -28.34 -31.77
N GLN C 89 20.28 -28.77 -30.77
CA GLN C 89 20.01 -30.01 -30.02
C GLN C 89 19.82 -29.79 -28.50
N THR C 90 20.59 -28.81 -27.94
CA THR C 90 20.56 -28.52 -26.51
C THR C 90 19.53 -27.47 -26.13
N LYS C 91 18.86 -27.82 -25.04
CA LYS C 91 17.84 -27.10 -24.34
C LYS C 91 18.49 -25.88 -23.75
N VAL C 92 17.99 -24.71 -24.14
CA VAL C 92 18.41 -23.43 -23.58
C VAL C 92 17.20 -22.99 -22.74
N ASN C 93 17.43 -22.69 -21.45
CA ASN C 93 16.40 -22.38 -20.49
C ASN C 93 15.72 -21.04 -20.74
N LEU C 94 14.37 -21.04 -20.80
CA LEU C 94 13.57 -19.82 -20.94
C LEU C 94 13.17 -19.29 -19.58
N LEU C 95 12.57 -20.13 -18.76
CA LEU C 95 12.14 -19.81 -17.39
C LEU C 95 12.62 -20.96 -16.54
N SER C 96 12.99 -20.69 -15.30
CA SER C 96 13.51 -21.71 -14.41
C SER C 96 13.41 -21.23 -12.99
N ALA C 97 13.11 -22.15 -12.06
CA ALA C 97 13.02 -21.85 -10.64
C ALA C 97 13.61 -22.99 -9.82
N ILE C 98 14.34 -22.67 -8.73
CA ILE C 98 14.91 -23.62 -7.77
C ILE C 98 14.33 -23.29 -6.39
N LYS C 99 13.57 -24.22 -5.80
CA LYS C 99 12.97 -24.13 -4.48
C LYS C 99 13.57 -25.20 -3.50
N SER C 100 13.84 -24.81 -2.24
CA SER C 100 14.32 -25.67 -1.14
C SER C 100 13.18 -25.75 -0.12
N PRO C 101 12.40 -26.85 -0.08
CA PRO C 101 11.26 -26.90 0.86
C PRO C 101 11.66 -27.21 2.30
N CYS C 102 12.94 -27.63 2.52
CA CYS C 102 13.44 -28.06 3.81
C CYS C 102 14.23 -27.04 4.57
N GLN C 103 13.54 -26.56 5.62
CA GLN C 103 14.00 -25.60 6.60
C GLN C 103 14.93 -26.36 7.57
N ARG C 104 14.40 -27.40 8.26
CA ARG C 104 15.08 -28.24 9.26
C ARG C 104 14.67 -29.71 9.12
N GLU C 105 15.66 -30.63 9.25
CA GLU C 105 15.46 -32.09 9.11
C GLU C 105 15.26 -32.78 10.45
N LYS C 113 4.96 -34.13 9.30
CA LYS C 113 4.01 -33.14 8.78
C LYS C 113 4.23 -32.87 7.28
N PRO C 114 3.25 -33.24 6.40
CA PRO C 114 3.44 -33.05 4.96
C PRO C 114 3.58 -31.60 4.50
N TRP C 115 4.56 -31.36 3.61
CA TRP C 115 4.84 -30.05 3.00
C TRP C 115 4.36 -29.98 1.55
N TYR C 116 4.20 -28.75 1.03
CA TYR C 116 3.73 -28.44 -0.31
C TYR C 116 4.48 -27.25 -0.88
N GLU C 117 4.96 -27.39 -2.13
CA GLU C 117 5.62 -26.30 -2.86
C GLU C 117 5.14 -26.21 -4.33
N PRO C 118 4.25 -25.23 -4.65
CA PRO C 118 3.88 -25.04 -6.07
C PRO C 118 4.95 -24.17 -6.75
N ILE C 119 5.29 -24.49 -8.01
CA ILE C 119 6.19 -23.68 -8.81
C ILE C 119 5.38 -23.23 -10.05
N TYR C 120 5.17 -21.89 -10.20
CA TYR C 120 4.51 -21.30 -11.36
C TYR C 120 5.50 -20.51 -12.24
N LEU C 121 5.69 -20.95 -13.48
CA LEU C 121 6.55 -20.22 -14.42
C LEU C 121 5.69 -19.69 -15.57
N GLY C 122 5.96 -18.46 -15.98
CA GLY C 122 5.25 -17.85 -17.09
C GLY C 122 6.00 -16.66 -17.60
N GLY C 123 5.83 -16.37 -18.88
CA GLY C 123 6.45 -15.23 -19.56
C GLY C 123 6.08 -15.09 -21.03
N VAL C 124 6.61 -14.06 -21.70
CA VAL C 124 6.38 -13.82 -23.13
C VAL C 124 7.69 -13.94 -23.90
N PHE C 125 7.63 -14.76 -24.95
CA PHE C 125 8.78 -15.09 -25.73
C PHE C 125 8.48 -15.09 -27.22
N GLN C 126 9.44 -14.62 -28.01
CA GLN C 126 9.34 -14.68 -29.46
C GLN C 126 9.83 -16.08 -29.85
N LEU C 127 9.00 -16.85 -30.55
CA LEU C 127 9.34 -18.19 -30.96
C LEU C 127 9.35 -18.38 -32.47
N GLU C 128 10.11 -19.37 -32.95
CA GLU C 128 10.23 -19.67 -34.37
C GLU C 128 9.55 -20.97 -34.74
N LYS C 129 9.16 -21.13 -36.03
CA LYS C 129 8.51 -22.35 -36.54
C LYS C 129 9.41 -23.58 -36.28
N GLY C 130 8.81 -24.66 -35.79
CA GLY C 130 9.53 -25.88 -35.48
C GLY C 130 10.24 -25.94 -34.14
N ASP C 131 10.19 -24.86 -33.35
CA ASP C 131 10.79 -24.85 -32.00
C ASP C 131 10.12 -25.85 -31.11
N ARG C 132 10.92 -26.57 -30.32
CA ARG C 132 10.43 -27.57 -29.38
C ARG C 132 10.59 -27.03 -27.98
N LEU C 133 9.48 -27.04 -27.23
CA LEU C 133 9.42 -26.56 -25.86
C LEU C 133 9.25 -27.70 -24.85
N SER C 134 10.05 -27.69 -23.78
CA SER C 134 9.96 -28.65 -22.70
C SER C 134 9.71 -28.03 -21.34
N ALA C 135 8.91 -28.71 -20.48
CA ALA C 135 8.67 -28.29 -19.10
C ALA C 135 9.12 -29.54 -18.30
N GLU C 136 10.22 -29.41 -17.54
CA GLU C 136 10.89 -30.49 -16.79
C GLU C 136 11.10 -30.21 -15.30
N ILE C 137 11.24 -31.27 -14.50
CA ILE C 137 11.45 -31.22 -13.05
C ILE C 137 12.62 -32.10 -12.75
N ASN C 138 13.25 -31.99 -11.59
CA ASN C 138 14.41 -32.82 -11.35
C ASN C 138 14.04 -34.05 -10.53
N ARG C 139 12.97 -33.93 -9.70
CA ARG C 139 12.48 -34.92 -8.76
C ARG C 139 11.00 -35.28 -8.95
N PRO C 140 10.69 -36.23 -9.86
CA PRO C 140 9.28 -36.63 -10.02
C PRO C 140 8.71 -37.46 -8.88
N ASP C 141 9.58 -37.89 -7.95
CA ASP C 141 9.19 -38.66 -6.76
C ASP C 141 8.38 -37.79 -5.79
N TYR C 142 8.55 -36.46 -5.91
CA TYR C 142 7.87 -35.46 -5.10
C TYR C 142 6.64 -34.84 -5.77
N LEU C 143 6.38 -35.17 -7.04
CA LEU C 143 5.25 -34.62 -7.76
C LEU C 143 3.94 -35.04 -7.12
N ASP C 144 2.95 -34.14 -7.07
CA ASP C 144 1.61 -34.43 -6.53
C ASP C 144 0.48 -34.20 -7.57
N PHE C 145 -0.24 -35.30 -7.94
CA PHE C 145 -1.39 -35.20 -8.84
C PHE C 145 -2.65 -35.92 -8.28
N ALA C 146 -2.89 -35.80 -6.95
CA ALA C 146 -4.11 -36.30 -6.32
C ALA C 146 -5.33 -35.60 -6.94
N GLU C 147 -5.30 -34.24 -7.00
CA GLU C 147 -6.35 -33.41 -7.61
C GLU C 147 -5.96 -32.95 -9.03
N SER C 148 -6.96 -32.54 -9.82
CA SER C 148 -6.80 -31.98 -11.17
C SER C 148 -6.42 -30.47 -11.04
N GLY C 149 -5.66 -29.99 -12.01
CA GLY C 149 -5.26 -28.60 -12.13
C GLY C 149 -3.96 -28.23 -11.43
N GLN C 150 -3.25 -29.25 -10.91
CA GLN C 150 -2.05 -29.07 -10.12
C GLN C 150 -0.75 -29.10 -10.89
N VAL C 151 -0.71 -29.76 -12.04
CA VAL C 151 0.51 -29.87 -12.83
C VAL C 151 0.11 -29.64 -14.33
N TYR C 152 0.56 -28.51 -14.93
CA TYR C 152 0.20 -28.17 -16.33
C TYR C 152 1.29 -27.39 -17.05
N PHE C 153 1.14 -27.24 -18.37
CA PHE C 153 2.11 -26.64 -19.27
C PHE C 153 1.33 -26.22 -20.47
N GLY C 154 1.58 -25.01 -20.94
CA GLY C 154 0.87 -24.49 -22.09
C GLY C 154 1.57 -23.31 -22.74
N ILE C 155 1.05 -22.94 -23.94
CA ILE C 155 1.50 -21.85 -24.78
C ILE C 155 0.28 -21.21 -25.39
N ILE C 156 0.33 -19.87 -25.57
CA ILE C 156 -0.71 -19.07 -26.19
C ILE C 156 -0.05 -18.13 -27.18
N ALA C 157 -0.34 -18.32 -28.46
CA ALA C 157 0.18 -17.47 -29.55
C ALA C 157 -0.47 -16.13 -29.46
N LEU C 158 0.32 -15.07 -29.31
CA LEU C 158 -0.29 -13.73 -29.23
C LEU C 158 -0.74 -13.20 -30.60
N THR D 8 -3.59 23.79 -14.71
CA THR D 8 -2.29 24.06 -14.05
C THR D 8 -1.96 22.96 -13.01
N PRO D 9 -1.18 21.90 -13.38
CA PRO D 9 -0.81 20.89 -12.37
C PRO D 9 0.22 21.43 -11.40
N SER D 10 0.18 20.97 -10.15
CA SER D 10 1.14 21.43 -9.17
C SER D 10 2.48 20.74 -9.34
N ASP D 11 3.52 21.57 -9.48
CA ASP D 11 4.91 21.12 -9.60
C ASP D 11 5.59 21.35 -8.24
N LYS D 12 4.76 21.40 -7.20
CA LYS D 12 5.17 21.63 -5.83
C LYS D 12 5.56 20.34 -5.13
N PRO D 13 6.82 20.25 -4.63
CA PRO D 13 7.26 19.04 -3.92
C PRO D 13 6.35 18.55 -2.77
N VAL D 14 5.84 17.30 -2.90
CA VAL D 14 4.94 16.65 -1.92
C VAL D 14 5.40 15.23 -1.56
N ALA D 15 5.05 14.78 -0.36
CA ALA D 15 5.33 13.44 0.14
C ALA D 15 4.30 13.00 1.20
N HIS D 16 3.86 11.74 1.14
CA HIS D 16 2.99 11.09 2.11
C HIS D 16 3.45 9.64 2.16
N VAL D 17 4.23 9.29 3.16
CA VAL D 17 4.78 7.95 3.32
C VAL D 17 4.11 7.33 4.49
N VAL D 18 3.99 6.00 4.45
CA VAL D 18 3.27 5.17 5.42
C VAL D 18 4.18 4.07 5.97
N ALA D 19 3.90 3.57 7.17
CA ALA D 19 4.68 2.50 7.76
C ALA D 19 4.53 1.23 6.95
N ASN D 20 5.58 0.39 6.91
CA ASN D 20 5.57 -0.86 6.15
C ASN D 20 4.98 -1.95 7.03
N PRO D 21 3.87 -2.57 6.59
CA PRO D 21 3.27 -3.65 7.38
C PRO D 21 3.92 -5.03 7.15
N GLN D 22 5.00 -5.09 6.33
CA GLN D 22 5.78 -6.31 6.10
C GLN D 22 7.05 -6.24 6.98
N ALA D 23 7.37 -5.03 7.48
CA ALA D 23 8.49 -4.70 8.36
C ALA D 23 7.93 -4.45 9.80
N GLU D 24 7.68 -5.54 10.54
CA GLU D 24 7.10 -5.53 11.89
C GLU D 24 8.13 -5.53 13.04
N GLY D 25 8.12 -4.44 13.80
CA GLY D 25 9.02 -4.15 14.92
C GLY D 25 9.94 -2.98 14.60
N GLN D 26 9.69 -2.31 13.45
CA GLN D 26 10.47 -1.17 12.94
C GLN D 26 9.54 -0.19 12.23
N LEU D 27 9.78 1.11 12.41
CA LEU D 27 9.03 2.15 11.72
C LEU D 27 9.76 2.47 10.40
N GLN D 28 9.48 1.64 9.38
CA GLN D 28 10.05 1.75 8.05
C GLN D 28 9.02 2.40 7.15
N TRP D 29 9.36 3.58 6.59
CA TRP D 29 8.48 4.34 5.70
C TRP D 29 8.49 3.75 4.31
N LEU D 30 7.30 3.55 3.75
CA LEU D 30 7.08 2.96 2.44
C LEU D 30 6.19 3.87 1.61
N ASN D 31 6.43 3.96 0.31
CA ASN D 31 5.59 4.73 -0.58
C ASN D 31 4.64 3.81 -1.39
N ARG D 32 3.78 3.06 -0.66
CA ARG D 32 2.74 2.15 -1.15
C ARG D 32 1.78 2.84 -2.11
N ARG D 33 1.25 2.13 -3.11
CA ARG D 33 0.32 2.69 -4.11
C ARG D 33 -1.02 3.23 -3.51
N ALA D 34 -1.52 2.53 -2.48
CA ALA D 34 -2.81 2.76 -1.83
C ALA D 34 -3.04 4.17 -1.20
N ASN D 35 -2.02 4.70 -0.49
CA ASN D 35 -2.13 5.96 0.25
C ASN D 35 -0.91 6.82 0.16
N ALA D 36 0.24 6.16 -0.06
CA ALA D 36 1.52 6.81 -0.07
C ALA D 36 1.96 7.29 -1.43
N LEU D 37 2.84 8.30 -1.42
CA LEU D 37 3.38 8.93 -2.62
C LEU D 37 4.65 9.72 -2.31
N LEU D 38 5.32 10.15 -3.37
CA LEU D 38 6.50 11.00 -3.42
C LEU D 38 6.34 11.70 -4.77
N ALA D 39 6.34 13.05 -4.78
CA ALA D 39 6.23 13.77 -6.04
C ALA D 39 7.11 15.01 -6.11
N ASN D 40 7.32 15.51 -7.34
CA ASN D 40 8.12 16.70 -7.67
C ASN D 40 9.49 16.82 -6.94
N GLY D 41 10.23 15.72 -6.86
CA GLY D 41 11.57 15.75 -6.28
C GLY D 41 11.80 15.24 -4.88
N VAL D 42 10.76 14.88 -4.16
CA VAL D 42 11.00 14.38 -2.80
C VAL D 42 11.43 12.90 -2.86
N GLU D 43 12.57 12.57 -2.25
CA GLU D 43 13.05 11.19 -2.27
C GLU D 43 12.97 10.56 -0.92
N LEU D 44 13.00 9.23 -0.87
CA LEU D 44 12.99 8.48 0.38
C LEU D 44 14.26 7.65 0.45
N ARG D 45 15.31 8.20 1.09
CA ARG D 45 16.61 7.55 1.22
C ARG D 45 16.96 7.30 2.68
N ASP D 46 17.18 6.02 3.03
CA ASP D 46 17.53 5.56 4.38
C ASP D 46 16.47 6.03 5.40
N ASN D 47 15.19 5.70 5.11
CA ASN D 47 14.03 6.03 5.94
C ASN D 47 13.80 7.56 6.15
N GLN D 48 14.38 8.40 5.27
CA GLN D 48 14.26 9.85 5.39
C GLN D 48 13.78 10.52 4.13
N LEU D 49 13.05 11.61 4.27
CA LEU D 49 12.59 12.35 3.12
C LEU D 49 13.65 13.35 2.75
N VAL D 50 13.95 13.50 1.48
CA VAL D 50 14.97 14.43 1.04
C VAL D 50 14.34 15.66 0.38
N VAL D 51 14.61 16.86 0.93
CA VAL D 51 14.09 18.14 0.43
C VAL D 51 14.73 18.51 -0.92
N PRO D 52 13.92 18.60 -1.99
CA PRO D 52 14.50 18.93 -3.31
C PRO D 52 14.91 20.38 -3.52
N SER D 53 14.22 21.34 -2.87
CA SER D 53 14.50 22.76 -3.07
C SER D 53 14.12 23.62 -1.88
N GLU D 54 14.74 24.81 -1.78
CA GLU D 54 14.49 25.82 -0.75
C GLU D 54 13.04 26.32 -0.86
N GLY D 55 12.47 26.70 0.29
CA GLY D 55 11.13 27.24 0.38
C GLY D 55 10.39 26.92 1.67
N LEU D 56 9.08 27.21 1.67
CA LEU D 56 8.17 26.97 2.80
C LEU D 56 7.44 25.66 2.59
N TYR D 57 7.44 24.81 3.62
CA TYR D 57 6.80 23.51 3.56
C TYR D 57 5.91 23.29 4.75
N LEU D 58 4.82 22.59 4.53
CA LEU D 58 3.96 22.13 5.59
C LEU D 58 4.49 20.71 5.88
N ILE D 59 4.80 20.43 7.15
CA ILE D 59 5.29 19.12 7.57
C ILE D 59 4.26 18.54 8.53
N TYR D 60 4.03 17.19 8.46
CA TYR D 60 3.07 16.45 9.31
C TYR D 60 3.41 14.97 9.48
N SER D 61 2.95 14.37 10.59
CA SER D 61 3.20 12.96 10.88
C SER D 61 2.38 12.41 12.06
N GLN D 62 1.64 11.32 11.82
CA GLN D 62 0.88 10.66 12.86
C GLN D 62 1.40 9.25 13.11
N VAL D 63 1.37 8.84 14.38
CA VAL D 63 1.71 7.49 14.78
C VAL D 63 0.64 7.03 15.74
N LEU D 64 0.37 5.72 15.77
CA LEU D 64 -0.64 5.15 16.64
C LEU D 64 -0.03 4.03 17.43
N PHE D 65 -0.09 4.14 18.75
CA PHE D 65 0.41 3.13 19.68
C PHE D 65 -0.74 2.33 20.27
N LYS D 66 -0.52 1.03 20.51
CA LYS D 66 -1.49 0.10 21.08
C LYS D 66 -0.75 -0.90 21.97
N GLY D 67 -1.36 -1.21 23.12
CA GLY D 67 -0.84 -2.16 24.09
C GLY D 67 -1.96 -2.97 24.72
N GLN D 68 -1.76 -4.29 24.86
CA GLN D 68 -2.73 -5.21 25.47
C GLN D 68 -2.61 -5.13 26.99
N GLY D 69 -3.30 -4.14 27.54
CA GLY D 69 -3.31 -3.86 28.98
C GLY D 69 -2.09 -3.12 29.46
N CYS D 70 -2.27 -2.31 30.51
CA CYS D 70 -1.18 -1.57 31.13
C CYS D 70 -0.43 -2.48 32.11
N PRO D 71 0.86 -2.79 31.87
CA PRO D 71 1.57 -3.72 32.77
C PRO D 71 2.17 -3.05 34.01
N SER D 72 3.09 -3.77 34.69
CA SER D 72 3.83 -3.34 35.89
C SER D 72 4.97 -2.34 35.55
N THR D 73 4.95 -1.81 34.29
CA THR D 73 5.90 -0.82 33.78
C THR D 73 5.14 0.41 33.29
N HIS D 74 5.55 1.59 33.76
CA HIS D 74 4.92 2.84 33.38
C HIS D 74 5.74 3.51 32.26
N VAL D 75 5.33 3.14 31.04
CA VAL D 75 5.89 3.45 29.71
C VAL D 75 5.71 4.90 29.24
N LEU D 76 6.70 5.37 28.44
CA LEU D 76 6.76 6.68 27.80
C LEU D 76 6.82 6.52 26.29
N LEU D 77 5.96 7.24 25.56
CA LEU D 77 5.88 7.16 24.11
C LEU D 77 6.23 8.49 23.48
N THR D 78 7.30 8.52 22.65
CA THR D 78 7.74 9.74 21.98
C THR D 78 7.59 9.64 20.47
N HIS D 79 7.36 10.76 19.82
CA HIS D 79 7.27 10.90 18.37
C HIS D 79 7.86 12.25 18.01
N THR D 80 8.89 12.24 17.14
CA THR D 80 9.61 13.45 16.75
C THR D 80 9.92 13.53 15.25
N ILE D 81 9.72 14.74 14.68
CA ILE D 81 10.09 15.10 13.31
C ILE D 81 11.41 15.87 13.49
N SER D 82 12.50 15.23 13.06
CA SER D 82 13.89 15.68 13.16
C SER D 82 14.47 16.07 11.79
N ARG D 83 15.09 17.27 11.72
CA ARG D 83 15.69 17.82 10.51
C ARG D 83 17.22 17.77 10.55
N ILE D 84 17.83 17.28 9.46
CA ILE D 84 19.28 17.23 9.25
C ILE D 84 19.55 18.03 7.97
N ALA D 85 20.30 19.14 8.07
CA ALA D 85 20.67 19.96 6.92
C ALA D 85 21.82 19.32 6.11
N VAL D 86 22.39 20.06 5.14
CA VAL D 86 23.44 19.58 4.25
C VAL D 86 24.71 19.06 4.96
N SER D 87 25.08 19.64 6.13
CA SER D 87 26.26 19.21 6.89
C SER D 87 26.05 17.86 7.61
N ASN D 93 15.68 19.32 15.12
CA ASN D 93 14.34 19.01 15.63
C ASN D 93 13.36 20.13 15.24
N LEU D 94 12.14 19.76 14.79
CA LEU D 94 11.11 20.73 14.36
C LEU D 94 9.83 20.63 15.14
N LEU D 95 9.31 19.38 15.29
CA LEU D 95 8.08 19.02 16.01
C LEU D 95 8.34 17.76 16.85
N SER D 96 7.86 17.76 18.11
CA SER D 96 8.02 16.63 19.04
C SER D 96 6.89 16.59 20.08
N ALA D 97 6.57 15.37 20.56
CA ALA D 97 5.56 15.11 21.59
C ALA D 97 5.85 13.83 22.37
N ILE D 98 5.46 13.80 23.65
CA ILE D 98 5.66 12.66 24.56
C ILE D 98 4.32 12.35 25.28
N LYS D 99 3.97 11.03 25.38
CA LYS D 99 2.73 10.56 26.00
C LYS D 99 2.98 9.41 26.97
N SER D 100 2.21 9.37 28.08
CA SER D 100 2.25 8.33 29.10
C SER D 100 0.90 7.57 29.12
N PRO D 101 0.82 6.35 28.56
CA PRO D 101 -0.49 5.66 28.51
C PRO D 101 -0.87 4.88 29.77
N CYS D 102 0.06 4.75 30.75
CA CYS D 102 -0.22 3.93 31.94
C CYS D 102 -0.52 4.70 33.24
N GLN D 103 -1.53 4.17 33.95
CA GLN D 103 -2.03 4.62 35.25
C GLN D 103 -1.85 3.54 36.33
N ARG D 104 -2.17 2.26 35.99
CA ARG D 104 -2.05 1.11 36.88
C ARG D 104 -1.94 -0.22 36.13
N LYS D 113 -7.15 -5.04 29.59
CA LYS D 113 -7.87 -4.04 28.80
C LYS D 113 -6.96 -3.33 27.75
N PRO D 114 -7.09 -3.63 26.42
CA PRO D 114 -6.22 -2.96 25.43
C PRO D 114 -6.37 -1.43 25.33
N TRP D 115 -5.23 -0.70 25.25
CA TRP D 115 -5.20 0.76 25.14
C TRP D 115 -4.71 1.25 23.78
N TYR D 116 -5.03 2.51 23.42
CA TYR D 116 -4.69 3.14 22.14
C TYR D 116 -4.27 4.61 22.35
N GLU D 117 -3.16 5.06 21.70
CA GLU D 117 -2.69 6.44 21.83
C GLU D 117 -2.14 7.07 20.52
N PRO D 118 -2.91 7.99 19.88
CA PRO D 118 -2.40 8.68 18.67
C PRO D 118 -1.62 9.98 18.98
N ILE D 119 -0.50 10.20 18.25
CA ILE D 119 0.31 11.41 18.35
C ILE D 119 0.35 12.09 16.98
N TYR D 120 -0.21 13.29 16.88
CA TYR D 120 -0.25 14.03 15.64
C TYR D 120 0.63 15.28 15.71
N LEU D 121 1.46 15.50 14.70
CA LEU D 121 2.40 16.64 14.60
C LEU D 121 2.20 17.33 13.25
N GLY D 122 2.26 18.65 13.20
CA GLY D 122 2.09 19.39 11.94
C GLY D 122 2.24 20.90 12.00
N GLY D 123 3.19 21.42 11.22
CA GLY D 123 3.47 22.86 11.16
C GLY D 123 4.15 23.31 9.88
N VAL D 124 4.43 24.63 9.77
CA VAL D 124 5.09 25.22 8.58
C VAL D 124 6.50 25.63 8.90
N PHE D 125 7.44 25.23 8.03
CA PHE D 125 8.87 25.44 8.21
C PHE D 125 9.57 25.79 6.90
N GLN D 126 10.50 26.74 6.98
CA GLN D 126 11.35 27.15 5.88
C GLN D 126 12.45 26.06 5.81
N LEU D 127 12.52 25.34 4.68
CA LEU D 127 13.51 24.28 4.47
C LEU D 127 14.46 24.59 3.34
N GLU D 128 15.66 23.98 3.40
CA GLU D 128 16.73 24.17 2.43
C GLU D 128 16.96 22.92 1.57
N LYS D 129 17.48 23.11 0.35
CA LYS D 129 17.81 22.05 -0.59
C LYS D 129 18.86 21.09 0.05
N GLY D 130 18.63 19.78 -0.05
CA GLY D 130 19.53 18.75 0.49
C GLY D 130 19.19 18.13 1.85
N ASP D 131 18.24 18.75 2.59
CA ASP D 131 17.79 18.32 3.92
C ASP D 131 17.20 16.87 3.99
N ARG D 132 17.63 16.06 5.01
CA ARG D 132 17.20 14.67 5.28
C ARG D 132 16.17 14.55 6.47
N LEU D 133 14.88 14.97 6.27
CA LEU D 133 13.80 14.93 7.30
C LEU D 133 13.48 13.53 7.74
N SER D 134 13.39 13.29 9.05
CA SER D 134 13.08 11.96 9.59
C SER D 134 11.99 12.02 10.67
N ALA D 135 11.05 11.06 10.64
CA ALA D 135 9.98 10.93 11.63
C ALA D 135 10.25 9.65 12.41
N GLU D 136 10.61 9.82 13.70
CA GLU D 136 10.98 8.67 14.53
C GLU D 136 10.20 8.56 15.84
N ILE D 137 10.09 7.32 16.31
CA ILE D 137 9.42 6.94 17.55
C ILE D 137 10.40 6.16 18.42
N ASN D 138 10.12 6.04 19.72
CA ASN D 138 10.97 5.32 20.65
C ASN D 138 10.62 3.82 20.81
N ARG D 139 9.31 3.50 20.76
CA ARG D 139 8.82 2.13 20.95
C ARG D 139 8.05 1.57 19.73
N PRO D 140 8.76 0.94 18.72
CA PRO D 140 8.05 0.36 17.56
C PRO D 140 7.28 -0.92 17.87
N ASP D 141 7.54 -1.55 19.04
CA ASP D 141 6.85 -2.76 19.51
C ASP D 141 5.39 -2.45 19.88
N TYR D 142 5.10 -1.16 20.18
CA TYR D 142 3.77 -0.63 20.51
C TYR D 142 3.03 -0.05 19.31
N LEU D 143 3.69 0.02 18.12
CA LEU D 143 3.07 0.53 16.89
C LEU D 143 1.90 -0.35 16.43
N ASP D 144 0.85 0.30 15.95
CA ASP D 144 -0.30 -0.40 15.41
C ASP D 144 -0.56 0.04 13.98
N PHE D 145 -0.21 -0.82 13.04
CA PHE D 145 -0.46 -0.61 11.61
C PHE D 145 -1.35 -1.75 11.12
N ALA D 146 -2.12 -2.35 12.06
CA ALA D 146 -3.07 -3.45 11.84
C ALA D 146 -4.20 -3.04 10.87
N GLU D 147 -4.33 -1.72 10.64
CA GLU D 147 -5.27 -1.09 9.71
C GLU D 147 -4.55 0.13 9.09
N SER D 148 -4.67 0.32 7.76
CA SER D 148 -4.04 1.45 7.08
C SER D 148 -4.64 2.82 7.47
N GLY D 149 -3.84 3.86 7.28
CA GLY D 149 -4.19 5.25 7.60
C GLY D 149 -3.80 5.70 9.00
N GLN D 150 -3.28 4.78 9.81
CA GLN D 150 -2.93 5.03 11.22
C GLN D 150 -1.53 5.59 11.49
N VAL D 151 -0.51 5.15 10.71
CA VAL D 151 0.90 5.56 10.88
C VAL D 151 1.44 6.18 9.57
N TYR D 152 1.69 7.49 9.56
CA TYR D 152 2.12 8.18 8.33
C TYR D 152 3.06 9.38 8.60
N PHE D 153 3.71 9.91 7.53
CA PHE D 153 4.65 11.04 7.55
C PHE D 153 4.61 11.72 6.21
N GLY D 154 4.67 13.04 6.19
CA GLY D 154 4.60 13.79 4.94
C GLY D 154 5.05 15.24 4.98
N ILE D 155 5.10 15.87 3.79
CA ILE D 155 5.50 17.26 3.58
C ILE D 155 4.76 17.79 2.34
N ILE D 156 4.43 19.12 2.33
CA ILE D 156 3.75 19.80 1.22
C ILE D 156 4.42 21.16 0.97
N ALA D 157 4.93 21.42 -0.24
CA ALA D 157 5.53 22.72 -0.55
C ALA D 157 4.43 23.74 -0.79
N LEU D 158 4.58 24.94 -0.21
CA LEU D 158 3.61 26.04 -0.34
C LEU D 158 4.05 27.07 -1.38
N ASP E 11 5.80 36.05 -2.65
CA ASP E 11 4.97 37.26 -2.56
C ASP E 11 3.50 36.98 -2.13
N LYS E 12 3.23 35.80 -1.51
CA LYS E 12 1.91 35.41 -0.97
C LYS E 12 1.89 35.55 0.60
N PRO E 13 0.85 36.20 1.20
CA PRO E 13 0.85 36.38 2.67
C PRO E 13 1.07 35.12 3.51
N VAL E 14 2.09 35.15 4.38
CA VAL E 14 2.44 34.04 5.28
C VAL E 14 2.79 34.53 6.67
N ALA E 15 2.52 33.68 7.69
CA ALA E 15 2.81 33.94 9.10
C ALA E 15 3.00 32.66 9.88
N HIS E 16 3.92 32.70 10.85
CA HIS E 16 4.23 31.65 11.80
C HIS E 16 4.80 32.35 13.01
N VAL E 17 3.97 32.53 14.04
CA VAL E 17 4.34 33.19 15.29
C VAL E 17 4.47 32.14 16.36
N VAL E 18 5.47 32.30 17.22
CA VAL E 18 5.76 31.34 18.27
C VAL E 18 5.54 31.96 19.67
N ALA E 19 5.29 31.12 20.68
CA ALA E 19 5.09 31.57 22.05
C ALA E 19 6.35 32.16 22.64
N ASN E 20 6.18 33.14 23.55
CA ASN E 20 7.24 33.78 24.30
C ASN E 20 7.49 32.91 25.54
N PRO E 21 8.65 32.18 25.60
CA PRO E 21 8.91 31.29 26.76
C PRO E 21 9.23 32.03 28.05
N GLN E 22 9.54 33.34 27.90
CA GLN E 22 9.88 34.29 28.95
C GLN E 22 8.57 34.80 29.63
N ALA E 23 7.54 35.14 28.82
CA ALA E 23 6.23 35.65 29.27
C ALA E 23 5.44 34.59 30.05
N GLU E 24 5.78 34.42 31.34
CA GLU E 24 5.18 33.44 32.24
C GLU E 24 3.73 33.78 32.61
N GLY E 25 2.88 32.75 32.59
CA GLY E 25 1.45 32.87 32.91
C GLY E 25 0.61 33.50 31.82
N GLN E 26 1.13 33.53 30.58
CA GLN E 26 0.45 34.10 29.40
C GLN E 26 0.96 33.51 28.05
N LEU E 27 0.03 33.40 27.06
CA LEU E 27 0.34 32.93 25.72
C LEU E 27 0.57 34.15 24.83
N GLN E 28 1.82 34.61 24.77
CA GLN E 28 2.23 35.78 23.99
C GLN E 28 2.96 35.34 22.75
N TRP E 29 2.49 35.78 21.57
CA TRP E 29 3.07 35.42 20.28
C TRP E 29 4.18 36.38 19.83
N LEU E 30 5.30 35.83 19.30
CA LEU E 30 6.49 36.55 18.80
C LEU E 30 6.80 36.17 17.36
N ASN E 31 7.46 37.07 16.60
CA ASN E 31 7.82 36.81 15.21
C ASN E 31 9.36 36.80 14.91
N ARG E 32 10.20 37.28 15.85
CA ARG E 32 11.68 37.35 15.69
C ARG E 32 12.38 35.98 15.67
N ARG E 33 11.87 35.02 16.46
CA ARG E 33 12.39 33.68 16.68
C ARG E 33 12.68 32.84 15.41
N ALA E 34 13.34 31.65 15.60
CA ALA E 34 13.70 30.71 14.53
C ALA E 34 12.43 30.19 13.82
N ASN E 35 12.49 30.08 12.47
CA ASN E 35 11.41 29.65 11.56
C ASN E 35 10.30 30.70 11.40
N ALA E 36 10.01 31.45 12.50
CA ALA E 36 9.02 32.52 12.60
C ALA E 36 9.19 33.66 11.56
N LEU E 37 8.16 33.85 10.71
CA LEU E 37 8.17 34.89 9.69
C LEU E 37 6.79 35.44 9.34
N LEU E 38 6.62 36.76 9.56
CA LEU E 38 5.46 37.56 9.17
C LEU E 38 5.90 38.09 7.81
N ALA E 39 5.18 37.73 6.75
CA ALA E 39 5.56 38.18 5.42
C ALA E 39 4.36 38.58 4.57
N ASN E 40 4.65 39.38 3.53
CA ASN E 40 3.74 39.88 2.50
C ASN E 40 2.39 40.43 3.01
N GLY E 41 2.44 41.25 4.06
CA GLY E 41 1.26 41.91 4.60
C GLY E 41 0.67 41.45 5.92
N VAL E 42 1.15 40.32 6.47
CA VAL E 42 0.62 39.83 7.74
C VAL E 42 1.24 40.58 8.93
N GLU E 43 0.41 41.13 9.84
CA GLU E 43 0.84 41.88 11.02
C GLU E 43 0.43 41.19 12.31
N LEU E 44 1.17 41.43 13.40
CA LEU E 44 0.86 40.89 14.72
C LEU E 44 0.52 42.04 15.73
N ARG E 45 -0.77 42.41 15.82
CA ARG E 45 -1.23 43.51 16.69
C ARG E 45 -2.14 43.02 17.78
N ASP E 46 -1.83 43.36 19.05
CA ASP E 46 -2.58 42.98 20.26
C ASP E 46 -2.71 41.44 20.38
N ASN E 47 -1.60 40.71 20.09
CA ASN E 47 -1.47 39.25 20.13
C ASN E 47 -2.34 38.54 19.09
N GLN E 48 -2.67 39.25 17.99
CA GLN E 48 -3.53 38.75 16.91
C GLN E 48 -2.90 38.94 15.55
N LEU E 49 -3.16 37.99 14.64
CA LEU E 49 -2.64 38.10 13.28
C LEU E 49 -3.66 38.87 12.47
N VAL E 50 -3.20 39.84 11.67
CA VAL E 50 -4.09 40.67 10.88
C VAL E 50 -4.03 40.31 9.41
N VAL E 51 -5.18 39.89 8.86
CA VAL E 51 -5.36 39.47 7.46
C VAL E 51 -5.14 40.64 6.53
N PRO E 52 -4.09 40.60 5.68
CA PRO E 52 -3.85 41.73 4.79
C PRO E 52 -4.86 41.89 3.66
N SER E 53 -5.38 40.76 3.12
CA SER E 53 -6.29 40.76 1.97
C SER E 53 -7.26 39.61 1.97
N GLU E 54 -8.37 39.76 1.22
CA GLU E 54 -9.41 38.75 1.03
C GLU E 54 -8.81 37.47 0.40
N GLY E 55 -9.38 36.31 0.71
CA GLY E 55 -8.92 35.06 0.14
C GLY E 55 -8.96 33.84 1.03
N LEU E 56 -8.50 32.70 0.46
CA LEU E 56 -8.43 31.40 1.13
C LEU E 56 -7.12 31.30 1.89
N TYR E 57 -7.21 31.02 3.19
CA TYR E 57 -6.07 30.88 4.08
C TYR E 57 -6.07 29.58 4.84
N LEU E 58 -4.88 28.95 4.93
CA LEU E 58 -4.68 27.76 5.74
C LEU E 58 -4.28 28.28 7.11
N ILE E 59 -5.16 28.12 8.10
CA ILE E 59 -4.89 28.55 9.46
C ILE E 59 -4.54 27.32 10.28
N TYR E 60 -3.49 27.39 11.11
CA TYR E 60 -3.04 26.29 11.97
C TYR E 60 -2.45 26.74 13.30
N SER E 61 -2.47 25.85 14.29
CA SER E 61 -1.86 26.13 15.57
C SER E 61 -1.69 24.88 16.41
N GLN E 62 -0.61 24.82 17.15
CA GLN E 62 -0.34 23.78 18.13
C GLN E 62 0.04 24.42 19.44
N VAL E 63 -0.44 23.83 20.51
CA VAL E 63 -0.13 24.23 21.88
C VAL E 63 0.22 22.95 22.67
N LEU E 64 1.23 23.02 23.54
CA LEU E 64 1.60 21.83 24.32
C LEU E 64 1.37 22.07 25.81
N PHE E 65 1.00 21.03 26.56
CA PHE E 65 0.72 21.18 27.97
C PHE E 65 1.50 20.24 28.88
N LYS E 66 1.97 20.77 30.02
CA LYS E 66 2.69 20.03 31.06
C LYS E 66 1.89 20.07 32.37
N GLY E 67 1.94 18.97 33.10
CA GLY E 67 1.26 18.83 34.38
C GLY E 67 2.07 17.97 35.32
N GLN E 68 2.49 18.55 36.46
CA GLN E 68 3.33 17.89 37.47
C GLN E 68 2.59 16.77 38.24
N GLY E 69 1.26 16.84 38.21
CA GLY E 69 0.37 15.88 38.86
C GLY E 69 -1.09 16.18 38.60
N CYS E 70 -1.92 15.13 38.52
CA CYS E 70 -3.35 15.32 38.32
C CYS E 70 -4.03 15.57 39.67
N PRO E 71 -4.60 16.79 39.92
CA PRO E 71 -5.24 17.04 41.22
C PRO E 71 -6.63 16.42 41.31
N SER E 72 -7.26 16.45 42.51
CA SER E 72 -8.62 15.93 42.73
C SER E 72 -9.61 16.69 41.82
N THR E 73 -9.22 17.93 41.44
CA THR E 73 -9.96 18.80 40.55
C THR E 73 -9.84 18.24 39.12
N HIS E 74 -10.95 18.25 38.37
CA HIS E 74 -10.97 17.80 36.98
C HIS E 74 -10.59 19.02 36.13
N VAL E 75 -9.42 18.97 35.48
CA VAL E 75 -8.93 20.08 34.67
C VAL E 75 -9.33 19.96 33.20
N LEU E 76 -9.71 21.09 32.59
CA LEU E 76 -10.09 21.17 31.18
C LEU E 76 -9.13 22.07 30.46
N LEU E 77 -8.60 21.61 29.37
CA LEU E 77 -7.67 22.41 28.58
C LEU E 77 -8.32 22.73 27.27
N THR E 78 -8.41 24.02 26.92
CA THR E 78 -9.01 24.45 25.65
C THR E 78 -7.98 25.20 24.84
N HIS E 79 -8.14 25.16 23.53
CA HIS E 79 -7.34 25.88 22.56
C HIS E 79 -8.30 26.21 21.44
N THR E 80 -8.40 27.50 21.13
CA THR E 80 -9.34 28.04 20.15
C THR E 80 -8.76 29.10 19.26
N ILE E 81 -9.02 28.98 17.95
CA ILE E 81 -8.68 29.96 16.93
C ILE E 81 -9.98 30.69 16.58
N SER E 82 -10.01 32.01 16.81
CA SER E 82 -11.19 32.83 16.57
C SER E 82 -10.96 33.88 15.51
N ARG E 83 -12.06 34.37 14.93
CA ARG E 83 -12.04 35.37 13.87
C ARG E 83 -12.91 36.58 14.28
N ILE E 84 -12.34 37.77 14.09
CA ILE E 84 -13.02 39.04 14.34
C ILE E 84 -13.04 39.75 13.01
N ALA E 85 -14.25 39.97 12.47
CA ALA E 85 -14.47 40.60 11.17
C ALA E 85 -13.91 42.04 11.09
N VAL E 86 -13.88 42.58 9.87
CA VAL E 86 -13.45 43.96 9.63
C VAL E 86 -14.56 44.90 10.19
N SER E 87 -15.78 44.32 10.43
CA SER E 87 -16.96 44.96 11.01
C SER E 87 -17.12 44.61 12.51
N LYS E 91 -16.99 38.12 17.10
CA LYS E 91 -16.02 37.04 17.35
C LYS E 91 -16.58 35.61 17.10
N VAL E 92 -16.16 34.93 16.01
CA VAL E 92 -16.59 33.55 15.69
C VAL E 92 -15.44 32.52 15.78
N ASN E 93 -15.65 31.42 16.55
CA ASN E 93 -14.67 30.33 16.66
C ASN E 93 -14.56 29.65 15.31
N LEU E 94 -13.33 29.54 14.79
CA LEU E 94 -13.05 28.90 13.52
C LEU E 94 -12.68 27.42 13.73
N LEU E 95 -11.78 27.19 14.70
CA LEU E 95 -11.26 25.90 15.12
C LEU E 95 -11.18 25.95 16.64
N SER E 96 -11.53 24.87 17.30
CA SER E 96 -11.51 24.77 18.76
C SER E 96 -11.47 23.29 19.17
N ALA E 97 -10.72 23.00 20.24
CA ALA E 97 -10.61 21.65 20.80
C ALA E 97 -10.47 21.73 22.30
N ILE E 98 -11.05 20.76 22.98
CA ILE E 98 -10.99 20.71 24.43
C ILE E 98 -10.52 19.27 24.84
N LYS E 99 -9.61 19.22 25.83
CA LYS E 99 -8.98 18.00 26.36
C LYS E 99 -9.01 17.94 27.87
N SER E 100 -9.28 16.75 28.43
CA SER E 100 -9.32 16.50 29.88
C SER E 100 -8.14 15.55 30.21
N PRO E 101 -7.03 16.06 30.80
CA PRO E 101 -5.87 15.18 31.07
C PRO E 101 -5.98 14.30 32.33
N CYS E 102 -7.04 14.44 33.13
CA CYS E 102 -7.23 13.67 34.37
C CYS E 102 -8.25 12.53 34.24
N GLN E 103 -7.83 11.32 34.62
N LYS E 113 3.10 12.66 39.47
CA LYS E 113 2.40 12.13 38.30
C LYS E 113 2.60 13.05 37.04
N PRO E 114 3.67 12.90 36.23
CA PRO E 114 3.84 13.79 35.06
C PRO E 114 2.98 13.43 33.84
N TRP E 115 2.20 14.43 33.35
CA TRP E 115 1.34 14.27 32.18
C TRP E 115 1.68 15.28 31.10
N TYR E 116 1.40 14.94 29.83
CA TYR E 116 1.69 15.77 28.66
C TYR E 116 0.53 15.68 27.65
N GLU E 117 -0.01 16.84 27.17
CA GLU E 117 -1.15 16.86 26.25
C GLU E 117 -1.08 17.95 25.16
N PRO E 118 -0.76 17.58 23.90
CA PRO E 118 -0.74 18.60 22.82
C PRO E 118 -2.09 18.78 22.12
N ILE E 119 -2.36 20.00 21.61
CA ILE E 119 -3.59 20.29 20.86
C ILE E 119 -3.24 20.87 19.49
N TYR E 120 -3.71 20.26 18.41
CA TYR E 120 -3.44 20.71 17.05
C TYR E 120 -4.75 21.03 16.32
N LEU E 121 -4.81 22.23 15.73
CA LEU E 121 -5.95 22.77 14.98
C LEU E 121 -5.42 23.24 13.62
N GLY E 122 -6.23 23.06 12.59
CA GLY E 122 -5.84 23.47 11.25
C GLY E 122 -6.96 23.31 10.24
N GLY E 123 -7.12 24.30 9.39
CA GLY E 123 -8.15 24.28 8.35
C GLY E 123 -8.04 25.39 7.31
N VAL E 124 -8.89 25.31 6.26
CA VAL E 124 -8.95 26.33 5.21
C VAL E 124 -10.20 27.20 5.42
N PHE E 125 -9.99 28.53 5.43
CA PHE E 125 -11.06 29.51 5.64
C PHE E 125 -10.97 30.69 4.70
N GLN E 126 -12.12 31.09 4.15
CA GLN E 126 -12.23 32.29 3.32
C GLN E 126 -12.25 33.47 4.32
N LEU E 127 -11.22 34.31 4.25
CA LEU E 127 -11.08 35.45 5.14
C LEU E 127 -11.15 36.77 4.36
N GLU E 128 -11.48 37.85 5.08
CA GLU E 128 -11.63 39.19 4.53
C GLU E 128 -10.51 40.11 5.01
N LYS E 129 -10.20 41.18 4.23
CA LYS E 129 -9.18 42.18 4.56
C LYS E 129 -9.45 42.82 5.93
N GLY E 130 -8.43 42.86 6.79
CA GLY E 130 -8.51 43.45 8.12
C GLY E 130 -9.03 42.55 9.21
N ASP E 131 -9.33 41.28 8.88
CA ASP E 131 -9.81 40.31 9.85
C ASP E 131 -8.71 40.00 10.83
N ARG E 132 -9.06 39.88 12.11
CA ARG E 132 -8.11 39.60 13.17
C ARG E 132 -8.30 38.18 13.68
N LEU E 133 -7.22 37.39 13.66
CA LEU E 133 -7.23 36.01 14.09
C LEU E 133 -6.47 35.86 15.40
N SER E 134 -7.06 35.17 16.37
CA SER E 134 -6.43 34.97 17.67
C SER E 134 -6.44 33.50 18.03
N ALA E 135 -5.36 33.04 18.66
CA ALA E 135 -5.14 31.67 19.12
C ALA E 135 -5.02 31.78 20.62
N GLU E 136 -6.05 31.32 21.33
CA GLU E 136 -6.14 31.44 22.78
C GLU E 136 -6.27 30.11 23.51
N ILE E 137 -5.77 30.08 24.74
CA ILE E 137 -5.85 28.92 25.61
C ILE E 137 -6.50 29.37 26.92
N ASN E 138 -7.02 28.42 27.70
CA ASN E 138 -7.71 28.78 28.94
C ASN E 138 -6.78 28.75 30.17
N ARG E 139 -5.79 27.85 30.16
CA ARG E 139 -4.86 27.65 31.27
C ARG E 139 -3.38 27.86 30.86
N PRO E 140 -2.84 29.10 30.87
CA PRO E 140 -1.43 29.29 30.52
C PRO E 140 -0.48 28.79 31.60
N ASP E 141 -1.01 28.52 32.81
CA ASP E 141 -0.22 27.96 33.92
C ASP E 141 0.27 26.54 33.57
N TYR E 142 -0.43 25.88 32.62
CA TYR E 142 -0.14 24.55 32.14
C TYR E 142 0.62 24.52 30.83
N LEU E 143 1.07 25.69 30.35
CA LEU E 143 1.85 25.77 29.11
C LEU E 143 3.21 25.12 29.31
N ASP E 144 3.73 24.43 28.27
CA ASP E 144 5.03 23.76 28.36
C ASP E 144 6.00 24.36 27.35
N PHE E 145 6.87 25.29 27.82
CA PHE E 145 7.84 25.93 26.94
C PHE E 145 9.21 25.27 27.08
N ALA E 146 9.23 24.04 27.67
CA ALA E 146 10.43 23.21 27.83
C ALA E 146 11.17 23.17 26.48
N GLU E 147 10.45 22.75 25.41
CA GLU E 147 10.96 22.74 24.04
C GLU E 147 10.70 24.10 23.38
N SER E 148 11.56 24.48 22.42
CA SER E 148 11.45 25.73 21.68
C SER E 148 10.57 25.54 20.44
N GLY E 149 9.79 26.56 20.10
CA GLY E 149 8.91 26.62 18.93
C GLY E 149 7.86 25.55 18.76
N GLN E 150 7.47 24.87 19.85
CA GLN E 150 6.44 23.82 19.74
C GLN E 150 5.04 24.37 19.95
N VAL E 151 4.92 25.53 20.64
CA VAL E 151 3.68 26.27 20.82
C VAL E 151 3.71 27.34 19.73
N TYR E 152 2.95 27.15 18.65
CA TYR E 152 2.96 28.05 17.49
C TYR E 152 1.56 28.31 16.92
N PHE E 153 1.47 29.27 16.00
CA PHE E 153 0.24 29.74 15.37
C PHE E 153 0.63 30.31 14.01
N GLY E 154 -0.16 30.05 12.98
CA GLY E 154 0.22 30.54 11.65
C GLY E 154 -0.87 30.52 10.62
N ILE E 155 -0.62 31.19 9.50
CA ILE E 155 -1.52 31.32 8.34
C ILE E 155 -0.74 31.31 7.01
N ILE E 156 -1.36 30.78 5.95
CA ILE E 156 -0.77 30.69 4.60
C ILE E 156 -1.82 31.05 3.58
N ALA E 157 -1.51 32.01 2.70
CA ALA E 157 -2.46 32.38 1.64
C ALA E 157 -2.33 31.38 0.51
N LEU E 158 -3.47 30.80 0.06
CA LEU E 158 -3.54 29.80 -1.02
C LEU E 158 -3.87 30.41 -2.40
N THR F 8 -6.17 34.22 -4.25
CA THR F 8 -6.87 34.61 -3.02
C THR F 8 -8.21 35.36 -3.33
N PRO F 9 -9.38 34.69 -3.63
CA PRO F 9 -9.63 33.23 -3.74
C PRO F 9 -9.21 32.63 -5.10
N SER F 10 -8.89 31.32 -5.08
CA SER F 10 -8.39 30.54 -6.23
C SER F 10 -9.47 29.98 -7.18
N ASP F 11 -9.00 29.12 -8.12
CA ASP F 11 -9.74 28.33 -9.10
C ASP F 11 -9.51 26.84 -8.71
N LYS F 12 -8.74 26.65 -7.62
CA LYS F 12 -8.37 25.37 -7.05
C LYS F 12 -9.51 24.78 -6.23
N PRO F 13 -9.94 23.53 -6.57
CA PRO F 13 -11.00 22.86 -5.78
C PRO F 13 -10.76 22.83 -4.26
N VAL F 14 -11.67 23.48 -3.48
CA VAL F 14 -11.59 23.56 -2.00
C VAL F 14 -12.90 23.20 -1.33
N ALA F 15 -12.80 22.68 -0.10
CA ALA F 15 -13.95 22.34 0.71
C ALA F 15 -13.60 22.44 2.20
N HIS F 16 -14.57 22.93 3.00
CA HIS F 16 -14.53 22.97 4.45
C HIS F 16 -15.98 22.85 4.92
N VAL F 17 -16.41 21.61 5.23
CA VAL F 17 -17.76 21.31 5.71
C VAL F 17 -17.78 21.13 7.26
N VAL F 18 -18.92 21.44 7.88
CA VAL F 18 -19.12 21.37 9.34
C VAL F 18 -20.26 20.43 9.74
N ALA F 19 -20.18 19.84 10.96
CA ALA F 19 -21.23 18.94 11.47
C ALA F 19 -22.50 19.74 11.67
N ASN F 20 -23.66 19.15 11.39
CA ASN F 20 -24.91 19.88 11.56
C ASN F 20 -25.18 20.08 13.08
N PRO F 21 -25.10 21.35 13.61
CA PRO F 21 -25.33 21.59 15.05
C PRO F 21 -26.67 21.08 15.56
N GLN F 22 -27.67 20.95 14.66
CA GLN F 22 -29.00 20.46 14.96
C GLN F 22 -28.97 18.92 14.90
N ALA F 23 -28.83 18.36 13.67
CA ALA F 23 -28.80 16.91 13.37
C ALA F 23 -28.02 16.10 14.40
N GLU F 24 -28.74 15.59 15.42
CA GLU F 24 -28.16 14.84 16.53
C GLU F 24 -28.22 13.31 16.33
N GLY F 25 -27.24 12.62 16.91
CA GLY F 25 -27.15 11.17 16.83
C GLY F 25 -26.55 10.62 15.56
N GLN F 26 -25.94 11.51 14.73
CA GLN F 26 -25.22 11.16 13.51
C GLN F 26 -24.44 12.33 12.93
N LEU F 27 -23.34 11.98 12.23
CA LEU F 27 -22.41 12.92 11.61
C LEU F 27 -22.81 13.27 10.19
N GLN F 28 -23.57 14.37 10.05
CA GLN F 28 -24.03 14.92 8.79
C GLN F 28 -23.26 16.22 8.51
N TRP F 29 -22.64 16.33 7.34
CA TRP F 29 -21.83 17.48 6.95
C TRP F 29 -22.62 18.58 6.26
N LEU F 30 -22.23 19.85 6.54
CA LEU F 30 -22.81 21.08 5.98
C LEU F 30 -21.81 22.02 5.34
N ASN F 31 -22.17 22.57 4.17
CA ASN F 31 -21.44 23.60 3.43
C ASN F 31 -22.20 24.94 3.60
N ARG F 32 -23.53 24.84 3.82
CA ARG F 32 -24.47 25.95 3.95
C ARG F 32 -24.48 26.50 5.39
N ARG F 33 -23.35 27.14 5.76
CA ARG F 33 -23.08 27.77 7.05
C ARG F 33 -21.99 28.82 6.82
N ALA F 34 -21.86 29.79 7.75
CA ALA F 34 -20.80 30.79 7.67
C ALA F 34 -19.49 30.08 8.02
N ASN F 35 -18.37 30.55 7.43
CA ASN F 35 -17.03 29.96 7.57
C ASN F 35 -16.96 28.48 7.17
N ALA F 36 -17.78 28.10 6.19
CA ALA F 36 -17.84 26.76 5.60
C ALA F 36 -17.72 26.98 4.11
N LEU F 37 -17.19 25.99 3.37
CA LEU F 37 -16.85 26.07 1.95
C LEU F 37 -17.21 24.84 1.12
N LEU F 38 -17.36 25.06 -0.21
CA LEU F 38 -17.54 24.14 -1.32
C LEU F 38 -17.29 25.01 -2.56
N ALA F 39 -16.08 24.94 -3.12
CA ALA F 39 -15.75 25.77 -4.27
C ALA F 39 -15.04 25.02 -5.37
N ASN F 40 -15.06 25.59 -6.57
CA ASN F 40 -14.37 25.15 -7.78
C ASN F 40 -14.54 23.64 -8.11
N GLY F 41 -15.78 23.16 -8.03
CA GLY F 41 -16.10 21.78 -8.42
C GLY F 41 -16.27 20.73 -7.35
N VAL F 42 -16.00 21.05 -6.08
CA VAL F 42 -16.18 20.05 -5.02
C VAL F 42 -17.68 19.95 -4.68
N GLU F 43 -18.21 18.71 -4.68
CA GLU F 43 -19.64 18.47 -4.39
C GLU F 43 -19.81 17.71 -3.10
N LEU F 44 -20.96 17.85 -2.43
CA LEU F 44 -21.27 17.10 -1.21
C LEU F 44 -22.46 16.21 -1.50
N ARG F 45 -22.19 14.95 -1.89
CA ARG F 45 -23.22 14.00 -2.26
C ARG F 45 -23.21 12.80 -1.36
N ASP F 46 -24.37 12.52 -0.76
CA ASP F 46 -24.58 11.41 0.15
C ASP F 46 -23.58 11.47 1.32
N ASN F 47 -23.42 12.68 1.92
CA ASN F 47 -22.55 12.96 3.05
C ASN F 47 -21.04 12.72 2.78
N GLN F 48 -20.66 12.75 1.47
CA GLN F 48 -19.30 12.55 0.96
C GLN F 48 -18.86 13.69 0.05
N LEU F 49 -17.57 14.00 0.06
CA LEU F 49 -17.06 15.08 -0.80
C LEU F 49 -16.63 14.40 -2.07
N VAL F 50 -17.04 14.94 -3.22
CA VAL F 50 -16.73 14.37 -4.53
C VAL F 50 -15.63 15.18 -5.22
N VAL F 51 -14.55 14.48 -5.61
CA VAL F 51 -13.34 15.02 -6.25
C VAL F 51 -13.68 15.43 -7.70
N PRO F 52 -13.55 16.75 -8.02
CA PRO F 52 -13.91 17.21 -9.38
C PRO F 52 -12.92 16.81 -10.48
N SER F 53 -11.61 16.75 -10.14
CA SER F 53 -10.53 16.47 -11.08
C SER F 53 -9.35 15.76 -10.43
N GLU F 54 -8.57 15.04 -11.27
CA GLU F 54 -7.34 14.35 -10.88
C GLU F 54 -6.36 15.38 -10.31
N GLY F 55 -5.59 15.00 -9.29
CA GLY F 55 -4.63 15.91 -8.69
C GLY F 55 -4.19 15.57 -7.29
N LEU F 56 -3.36 16.44 -6.70
CA LEU F 56 -2.85 16.26 -5.33
C LEU F 56 -3.71 17.10 -4.46
N TYR F 57 -4.20 16.51 -3.35
CA TYR F 57 -5.08 17.20 -2.41
C TYR F 57 -4.60 17.03 -0.98
N LEU F 58 -4.84 18.07 -0.18
CA LEU F 58 -4.61 18.07 1.27
C LEU F 58 -5.97 17.70 1.84
N ILE F 59 -6.04 16.65 2.62
CA ILE F 59 -7.30 16.18 3.21
C ILE F 59 -7.16 16.28 4.73
N TYR F 60 -8.15 16.88 5.38
CA TYR F 60 -8.12 17.04 6.84
C TYR F 60 -9.51 16.94 7.47
N SER F 61 -9.55 16.58 8.77
CA SER F 61 -10.77 16.49 9.52
C SER F 61 -10.50 16.52 11.02
N GLN F 62 -11.45 17.09 11.78
CA GLN F 62 -11.44 17.08 13.25
C GLN F 62 -12.81 16.68 13.77
N VAL F 63 -12.82 15.87 14.81
CA VAL F 63 -14.02 15.47 15.52
C VAL F 63 -13.71 15.64 17.01
N LEU F 64 -14.71 16.01 17.76
CA LEU F 64 -14.54 16.16 19.18
C LEU F 64 -15.56 15.27 19.89
N PHE F 65 -15.06 14.35 20.70
CA PHE F 65 -15.91 13.49 21.49
C PHE F 65 -15.97 14.01 22.91
N LYS F 66 -17.15 13.88 23.53
CA LYS F 66 -17.43 14.27 24.90
C LYS F 66 -18.37 13.24 25.53
N GLY F 67 -18.05 12.83 26.74
CA GLY F 67 -18.86 11.89 27.50
C GLY F 67 -19.01 12.33 28.94
N GLN F 68 -20.24 12.22 29.47
CA GLN F 68 -20.57 12.61 30.85
C GLN F 68 -20.20 11.44 31.75
N GLY F 69 -18.94 11.38 32.14
CA GLY F 69 -18.39 10.31 32.98
C GLY F 69 -18.11 9.02 32.23
N CYS F 70 -17.02 8.32 32.61
CA CYS F 70 -16.60 7.07 31.98
C CYS F 70 -17.49 5.86 32.36
N PRO F 71 -18.19 5.25 31.37
CA PRO F 71 -19.07 4.10 31.69
C PRO F 71 -18.34 2.80 31.98
N SER F 72 -19.09 1.80 32.51
CA SER F 72 -18.67 0.46 32.96
C SER F 72 -17.60 -0.19 32.07
N THR F 73 -17.98 -0.77 30.91
CA THR F 73 -17.01 -1.38 30.00
C THR F 73 -16.34 -0.25 29.19
N HIS F 74 -15.05 -0.44 28.82
CA HIS F 74 -14.21 0.54 28.12
C HIS F 74 -14.61 0.77 26.65
N VAL F 75 -14.75 2.06 26.29
CA VAL F 75 -15.17 2.57 24.99
C VAL F 75 -14.01 2.87 24.05
N LEU F 76 -14.23 2.64 22.73
CA LEU F 76 -13.30 2.95 21.66
C LEU F 76 -13.89 4.03 20.76
N LEU F 77 -13.12 5.07 20.47
CA LEU F 77 -13.55 6.15 19.59
C LEU F 77 -12.68 6.14 18.36
N THR F 78 -13.29 6.09 17.19
CA THR F 78 -12.53 6.05 15.95
C THR F 78 -12.96 7.17 15.07
N HIS F 79 -12.00 7.68 14.31
CA HIS F 79 -12.25 8.69 13.30
C HIS F 79 -11.41 8.31 12.12
N THR F 80 -12.06 8.25 10.94
CA THR F 80 -11.45 7.79 9.71
C THR F 80 -11.90 8.59 8.51
N ILE F 81 -10.93 8.95 7.67
CA ILE F 81 -11.17 9.55 6.34
C ILE F 81 -10.88 8.42 5.37
N SER F 82 -11.86 8.10 4.52
CA SER F 82 -11.82 7.02 3.55
C SER F 82 -12.01 7.57 2.18
N ARG F 83 -11.51 6.84 1.20
CA ARG F 83 -11.65 7.16 -0.20
C ARG F 83 -12.43 6.02 -0.87
N ILE F 84 -13.33 6.38 -1.78
CA ILE F 84 -14.06 5.41 -2.57
C ILE F 84 -13.72 5.69 -4.00
N ALA F 85 -12.83 4.84 -4.54
CA ALA F 85 -12.37 4.94 -5.91
C ALA F 85 -13.50 4.59 -6.86
N VAL F 86 -13.76 5.48 -7.80
CA VAL F 86 -14.89 5.44 -8.74
C VAL F 86 -14.98 4.14 -9.65
N SER F 87 -13.82 3.45 -9.90
CA SER F 87 -13.71 2.21 -10.70
C SER F 87 -14.27 0.95 -10.00
N TYR F 88 -13.77 0.60 -8.81
CA TYR F 88 -14.28 -0.61 -8.15
C TYR F 88 -15.08 -0.36 -6.90
N GLN F 89 -15.24 0.92 -6.47
CA GLN F 89 -16.05 1.31 -5.30
C GLN F 89 -15.53 0.67 -4.00
N THR F 90 -14.23 0.45 -3.97
CA THR F 90 -13.51 -0.13 -2.85
C THR F 90 -13.36 0.99 -1.82
N LYS F 91 -13.68 0.72 -0.54
CA LYS F 91 -13.54 1.71 0.52
C LYS F 91 -12.20 1.51 1.18
N VAL F 92 -11.28 2.45 0.93
CA VAL F 92 -9.89 2.43 1.45
C VAL F 92 -9.65 3.54 2.49
N ASN F 93 -9.06 3.18 3.64
CA ASN F 93 -8.75 4.17 4.68
C ASN F 93 -7.56 4.95 4.25
N LEU F 94 -7.65 6.26 4.28
CA LEU F 94 -6.57 7.15 3.90
C LEU F 94 -5.85 7.54 5.16
N LEU F 95 -6.62 8.05 6.18
CA LEU F 95 -6.20 8.52 7.49
C LEU F 95 -7.16 7.95 8.50
N SER F 96 -6.66 7.51 9.64
CA SER F 96 -7.49 6.89 10.64
C SER F 96 -6.79 6.97 11.97
N ALA F 97 -7.57 7.15 13.05
CA ALA F 97 -7.07 7.19 14.41
C ALA F 97 -8.05 6.57 15.37
N ILE F 98 -7.54 5.92 16.42
CA ILE F 98 -8.37 5.30 17.47
C ILE F 98 -7.95 5.87 18.83
N LYS F 99 -8.93 6.18 19.70
CA LYS F 99 -8.71 6.72 21.03
C LYS F 99 -9.57 6.01 22.08
N SER F 100 -8.98 5.74 23.26
CA SER F 100 -9.64 5.09 24.39
C SER F 100 -9.76 6.11 25.54
N PRO F 101 -10.95 6.71 25.77
CA PRO F 101 -11.05 7.74 26.82
C PRO F 101 -11.22 7.21 28.25
N CYS F 102 -11.35 5.89 28.43
CA CYS F 102 -11.58 5.29 29.75
C CYS F 102 -10.41 4.47 30.34
N GLN F 103 -10.13 4.70 31.64
CA GLN F 103 -9.17 3.94 32.42
C GLN F 103 -9.92 3.00 33.39
N ARG F 104 -11.11 3.42 33.85
CA ARG F 104 -12.04 2.66 34.71
C ARG F 104 -13.50 3.17 34.56
N GLU F 105 -14.39 2.83 35.52
CA GLU F 105 -15.80 3.21 35.53
C GLU F 105 -16.14 4.20 36.66
N LYS F 113 -17.67 12.71 36.20
CA LYS F 113 -17.11 13.95 35.65
C LYS F 113 -16.85 13.85 34.13
N PRO F 114 -17.34 14.85 33.35
CA PRO F 114 -17.21 14.80 31.89
C PRO F 114 -15.78 14.77 31.34
N TRP F 115 -15.59 13.98 30.27
CA TRP F 115 -14.31 13.85 29.57
C TRP F 115 -14.40 14.45 28.15
N TYR F 116 -13.24 14.79 27.57
CA TYR F 116 -13.14 15.34 26.22
C TYR F 116 -11.96 14.72 25.47
N GLU F 117 -12.19 14.29 24.20
CA GLU F 117 -11.18 13.68 23.34
C GLU F 117 -11.26 14.19 21.88
N PRO F 118 -10.33 15.08 21.46
CA PRO F 118 -10.35 15.50 20.06
C PRO F 118 -9.55 14.52 19.20
N ILE F 119 -9.92 14.36 17.93
CA ILE F 119 -9.17 13.55 16.98
C ILE F 119 -9.01 14.39 15.74
N TYR F 120 -7.75 14.60 15.33
CA TYR F 120 -7.40 15.38 14.15
C TYR F 120 -6.68 14.50 13.18
N LEU F 121 -7.05 14.60 11.90
CA LEU F 121 -6.41 13.84 10.81
C LEU F 121 -6.12 14.79 9.65
N GLY F 122 -4.96 14.58 9.02
CA GLY F 122 -4.52 15.35 7.86
C GLY F 122 -3.41 14.69 7.06
N GLY F 123 -3.46 14.83 5.74
CA GLY F 123 -2.47 14.28 4.84
C GLY F 123 -2.58 14.80 3.42
N VAL F 124 -1.59 14.44 2.57
CA VAL F 124 -1.59 14.76 1.13
C VAL F 124 -1.80 13.47 0.35
N PHE F 125 -2.72 13.50 -0.63
CA PHE F 125 -3.09 12.31 -1.40
C PHE F 125 -3.35 12.63 -2.86
N GLN F 126 -2.98 11.70 -3.73
CA GLN F 126 -3.23 11.81 -5.16
C GLN F 126 -4.66 11.28 -5.34
N LEU F 127 -5.55 12.11 -5.89
CA LEU F 127 -6.95 11.69 -6.10
C LEU F 127 -7.36 11.73 -7.57
N GLU F 128 -8.31 10.87 -7.94
CA GLU F 128 -8.84 10.76 -9.29
C GLU F 128 -10.23 11.44 -9.37
N LYS F 129 -10.63 11.88 -10.57
CA LYS F 129 -11.94 12.52 -10.83
C LYS F 129 -13.02 11.50 -10.52
N GLY F 130 -14.02 11.94 -9.76
CA GLY F 130 -15.15 11.09 -9.39
C GLY F 130 -14.94 10.33 -8.10
N ASP F 131 -13.78 10.51 -7.47
CA ASP F 131 -13.50 9.84 -6.20
C ASP F 131 -14.33 10.51 -5.14
N ARG F 132 -14.83 9.70 -4.18
CA ARG F 132 -15.66 10.15 -3.06
C ARG F 132 -14.89 10.01 -1.74
N LEU F 133 -14.89 11.05 -0.94
CA LEU F 133 -14.20 11.08 0.34
C LEU F 133 -15.21 11.18 1.48
N SER F 134 -15.03 10.31 2.48
CA SER F 134 -15.92 10.25 3.63
C SER F 134 -15.14 10.41 4.91
N ALA F 135 -15.69 11.17 5.86
CA ALA F 135 -15.08 11.35 7.18
C ALA F 135 -16.10 10.77 8.16
N GLU F 136 -15.75 9.64 8.74
CA GLU F 136 -16.68 8.90 9.58
C GLU F 136 -16.20 8.62 10.96
N ILE F 137 -17.16 8.45 11.88
CA ILE F 137 -16.92 8.10 13.28
C ILE F 137 -17.69 6.83 13.63
N ASN F 138 -17.34 6.17 14.73
CA ASN F 138 -18.01 4.96 15.14
C ASN F 138 -19.10 5.23 16.19
N ARG F 139 -18.98 6.33 16.95
CA ARG F 139 -19.91 6.65 18.05
C ARG F 139 -20.45 8.07 17.96
N PRO F 140 -21.52 8.34 17.16
CA PRO F 140 -22.06 9.71 17.13
C PRO F 140 -22.77 10.14 18.41
N ASP F 141 -23.04 9.17 19.33
CA ASP F 141 -23.64 9.42 20.64
C ASP F 141 -22.70 10.24 21.53
N TYR F 142 -21.39 10.14 21.25
CA TYR F 142 -20.32 10.87 21.94
C TYR F 142 -19.85 12.14 21.22
N LEU F 143 -20.40 12.46 20.04
CA LEU F 143 -20.01 13.67 19.32
C LEU F 143 -20.43 14.89 20.09
N ASP F 144 -19.55 15.93 20.08
CA ASP F 144 -19.78 17.25 20.69
C ASP F 144 -19.69 18.32 19.62
N PHE F 145 -20.84 18.69 19.05
CA PHE F 145 -20.93 19.74 18.03
C PHE F 145 -21.74 20.93 18.58
N ALA F 146 -21.76 21.00 19.93
CA ALA F 146 -22.33 22.03 20.79
C ALA F 146 -21.78 23.40 20.40
N GLU F 147 -20.46 23.52 20.42
CA GLU F 147 -19.73 24.75 20.10
C GLU F 147 -19.15 24.68 18.65
N SER F 148 -18.95 25.86 18.03
CA SER F 148 -18.36 26.04 16.70
C SER F 148 -16.83 25.75 16.67
N GLY F 149 -16.37 25.26 15.52
CA GLY F 149 -14.97 24.93 15.25
C GLY F 149 -14.49 23.61 15.80
N GLN F 150 -15.41 22.80 16.32
CA GLN F 150 -15.08 21.51 16.96
C GLN F 150 -15.13 20.27 16.03
N VAL F 151 -16.02 20.28 15.01
CA VAL F 151 -16.24 19.16 14.11
C VAL F 151 -16.26 19.65 12.66
N TYR F 152 -15.22 19.30 11.88
CA TYR F 152 -15.09 19.71 10.49
C TYR F 152 -14.38 18.66 9.68
N PHE F 153 -14.44 18.85 8.34
CA PHE F 153 -13.88 18.02 7.29
C PHE F 153 -13.61 18.95 6.10
N GLY F 154 -12.40 18.86 5.53
CA GLY F 154 -12.04 19.65 4.37
C GLY F 154 -11.03 19.01 3.46
N ILE F 155 -10.95 19.55 2.22
CA ILE F 155 -9.98 19.19 1.16
C ILE F 155 -9.48 20.45 0.45
N ILE F 156 -8.20 20.47 0.08
CA ILE F 156 -7.59 21.60 -0.64
C ILE F 156 -6.78 21.04 -1.81
N ALA F 157 -7.09 21.49 -3.04
CA ALA F 157 -6.31 21.07 -4.23
C ALA F 157 -5.01 21.83 -4.27
N LEU F 158 -3.90 21.08 -4.51
CA LEU F 158 -2.56 21.66 -4.59
C LEU F 158 -2.17 22.10 -6.00
#